data_4EHI
#
_entry.id   4EHI
#
_cell.length_a   93.881
_cell.length_b   101.234
_cell.length_c   114.294
_cell.angle_alpha   90.00
_cell.angle_beta   90.00
_cell.angle_gamma   90.00
#
_symmetry.space_group_name_H-M   'P 21 21 21'
#
loop_
_entity.id
_entity.type
_entity.pdbx_description
1 polymer 'Bifunctional purine biosynthesis protein PurH'
2 non-polymer 2-[BIS-(2-HYDROXY-ETHYL)-AMINO]-2-HYDROXYMETHYL-PROPANE-1,3-DIOL
3 non-polymer 'SULFATE ION'
4 water water
#
_entity_poly.entity_id   1
_entity_poly.type   'polypeptide(L)'
_entity_poly.pdbx_seq_one_letter_code
;(MSE)HHHHHHSSGVDLGTENLYFQSNA(MSE)RALLSVSDKEGIVEFGKELENLGFEILSTGGTFKLLKENGIKVIEVS
DFTKSPELFEGRVKTLHPKIHGGILHKRSDENHIKQAKENEILGIDLVCVNLYPFKKTTI(MSE)SDDFDEIIENIDIGG
PA(MSE)IRSAAKNYKDV(MSE)VLCDPLDYEKVIETLKKGQNDENFRLNL(MSE)IKAYEHTANYDAYIANY(MSE)NE
RFNGGFGASKFIVGQKVFDTKYGENPHQKGALYEFDAFFSANFKALKGEASFNNLTDINAALNLASSFDKAPAIAIVKHG
NPCGFAIKENLVQSYIHALKCDSVSAYGGVVAINGTLDEALANKINEIYVEVIIAANVDEKALAVFEGKKRIKIFTQESP
FLIRSFDKYDFKHIDGGFVYQNSDEVGEDELKNAKL(MSE)SQREASKEELKDLEIA(MSE)KIAAFTKSNNVVYVKNGA
(MSE)VAIG(MSE)G(MSE)TSRIDAAKAAIAKAKE(MSE)GLDLQGCVLASEAFFPFRDSIDEASKVGVKAIVEPGGSI
RDDEVVKAADEYG(MSE)ALYFTGVRHFLH
;
_entity_poly.pdbx_strand_id   A,B
#
loop_
_chem_comp.id
_chem_comp.type
_chem_comp.name
_chem_comp.formula
BTB non-polymer 2-[BIS-(2-HYDROXY-ETHYL)-AMINO]-2-HYDROXYMETHYL-PROPANE-1,3-DIOL 'C8 H19 N O5'
SO4 non-polymer 'SULFATE ION' 'O4 S -2'
#
# COMPACT_ATOMS: atom_id res chain seq x y z
N ASP A 12 -33.81 -31.21 -22.34
CA ASP A 12 -34.65 -30.22 -23.01
C ASP A 12 -34.33 -28.79 -22.51
N LEU A 13 -34.44 -28.54 -21.20
CA LEU A 13 -34.15 -27.24 -20.60
C LEU A 13 -32.66 -27.00 -20.43
N GLY A 14 -32.27 -25.76 -20.63
CA GLY A 14 -30.90 -25.29 -20.45
C GLY A 14 -30.87 -24.10 -19.50
N THR A 15 -29.67 -23.72 -19.02
CA THR A 15 -29.51 -22.56 -18.13
C THR A 15 -29.94 -21.26 -18.84
N GLU A 16 -29.89 -21.24 -20.18
CA GLU A 16 -30.32 -20.12 -21.03
C GLU A 16 -31.84 -19.87 -20.93
N ASN A 17 -32.62 -20.91 -20.50
CA ASN A 17 -34.09 -20.83 -20.35
C ASN A 17 -34.49 -20.44 -18.93
N LEU A 18 -33.52 -20.20 -18.04
CA LEU A 18 -33.82 -19.86 -16.64
C LEU A 18 -33.77 -18.36 -16.43
N TYR A 19 -34.78 -17.85 -15.69
CA TYR A 19 -34.94 -16.43 -15.37
C TYR A 19 -35.22 -16.24 -13.87
N PHE A 20 -34.95 -15.03 -13.38
CA PHE A 20 -35.11 -14.68 -11.99
C PHE A 20 -36.56 -14.38 -11.67
N GLN A 21 -37.07 -15.05 -10.62
CA GLN A 21 -38.44 -14.90 -10.18
C GLN A 21 -38.53 -15.11 -8.67
N SER A 22 -39.00 -14.08 -7.98
CA SER A 22 -39.26 -14.13 -6.55
C SER A 22 -40.40 -15.13 -6.29
N ASN A 23 -40.28 -15.91 -5.21
CA ASN A 23 -41.22 -16.94 -4.76
C ASN A 23 -41.28 -18.14 -5.74
N ALA A 24 -40.26 -18.34 -6.56
CA ALA A 24 -40.22 -19.50 -7.46
C ALA A 24 -40.04 -20.79 -6.65
N MSE A 25 -39.34 -20.71 -5.48
CA MSE A 25 -38.99 -21.84 -4.60
C MSE A 25 -38.29 -22.91 -5.44
O MSE A 25 -38.59 -24.10 -5.34
CB MSE A 25 -40.23 -22.41 -3.84
CG MSE A 25 -40.85 -21.45 -2.81
SE MSE A 25 -39.63 -20.91 -1.36
CE MSE A 25 -39.24 -22.69 -0.59
N ARG A 26 -37.34 -22.48 -6.26
CA ARG A 26 -36.59 -23.33 -7.17
C ARG A 26 -35.15 -22.91 -7.15
N ALA A 27 -34.27 -23.86 -6.82
CA ALA A 27 -32.84 -23.64 -6.69
C ALA A 27 -32.03 -24.25 -7.82
N LEU A 28 -31.04 -23.50 -8.34
CA LEU A 28 -30.09 -23.99 -9.34
C LEU A 28 -28.76 -24.26 -8.62
N LEU A 29 -28.32 -25.52 -8.66
CA LEU A 29 -27.09 -25.97 -8.00
C LEU A 29 -26.13 -26.48 -9.06
N SER A 30 -25.05 -25.73 -9.30
CA SER A 30 -24.05 -26.08 -10.31
C SER A 30 -22.66 -25.62 -9.80
N VAL A 31 -21.93 -26.54 -9.15
CA VAL A 31 -20.67 -26.21 -8.47
C VAL A 31 -19.44 -27.05 -8.91
N SER A 32 -18.23 -26.39 -8.90
CA SER A 32 -16.93 -27.04 -9.15
C SER A 32 -16.46 -27.66 -7.86
N ASP A 33 -16.55 -26.90 -6.76
CA ASP A 33 -16.26 -27.36 -5.41
C ASP A 33 -17.58 -27.94 -4.88
N LYS A 34 -17.68 -29.26 -4.88
CA LYS A 34 -18.89 -30.02 -4.51
C LYS A 34 -19.00 -30.34 -3.00
N GLU A 35 -18.09 -29.81 -2.17
CA GLU A 35 -18.10 -29.98 -0.72
C GLU A 35 -19.46 -29.51 -0.10
N GLY A 36 -20.08 -30.41 0.66
CA GLY A 36 -21.35 -30.20 1.37
C GLY A 36 -22.58 -29.97 0.51
N ILE A 37 -22.50 -30.22 -0.82
CA ILE A 37 -23.62 -29.97 -1.73
C ILE A 37 -24.79 -30.96 -1.54
N VAL A 38 -24.50 -32.22 -1.10
CA VAL A 38 -25.51 -33.26 -0.91
C VAL A 38 -26.42 -32.87 0.26
N GLU A 39 -25.82 -32.60 1.44
CA GLU A 39 -26.56 -32.19 2.64
C GLU A 39 -27.30 -30.86 2.40
N PHE A 40 -26.70 -29.93 1.66
CA PHE A 40 -27.34 -28.64 1.36
C PHE A 40 -28.58 -28.87 0.45
N GLY A 41 -28.44 -29.72 -0.57
CA GLY A 41 -29.54 -30.10 -1.46
C GLY A 41 -30.67 -30.78 -0.70
N LYS A 42 -30.34 -31.66 0.26
CA LYS A 42 -31.31 -32.37 1.11
C LYS A 42 -32.06 -31.37 1.99
N GLU A 43 -31.33 -30.40 2.56
CA GLU A 43 -31.91 -29.36 3.43
C GLU A 43 -32.81 -28.41 2.62
N LEU A 44 -32.45 -28.10 1.36
CA LEU A 44 -33.28 -27.22 0.50
C LEU A 44 -34.58 -27.94 0.11
N GLU A 45 -34.47 -29.24 -0.17
CA GLU A 45 -35.60 -30.11 -0.54
C GLU A 45 -36.58 -30.21 0.63
N ASN A 46 -36.07 -30.32 1.88
CA ASN A 46 -36.89 -30.40 3.09
C ASN A 46 -37.62 -29.08 3.34
N LEU A 47 -37.03 -27.96 2.89
CA LEU A 47 -37.58 -26.61 3.04
C LEU A 47 -38.61 -26.30 1.93
N GLY A 48 -38.85 -27.26 1.02
CA GLY A 48 -39.83 -27.09 -0.05
C GLY A 48 -39.30 -26.56 -1.37
N PHE A 49 -37.97 -26.50 -1.55
CA PHE A 49 -37.42 -26.02 -2.82
C PHE A 49 -37.39 -27.14 -3.86
N GLU A 50 -37.69 -26.81 -5.12
CA GLU A 50 -37.48 -27.73 -6.24
C GLU A 50 -36.01 -27.52 -6.64
N ILE A 51 -35.32 -28.58 -7.07
CA ILE A 51 -33.88 -28.47 -7.36
C ILE A 51 -33.58 -28.69 -8.83
N LEU A 52 -32.82 -27.76 -9.42
CA LEU A 52 -32.30 -27.83 -10.78
C LEU A 52 -30.80 -27.99 -10.67
N SER A 53 -30.19 -28.83 -11.53
CA SER A 53 -28.75 -29.06 -11.47
C SER A 53 -28.19 -29.46 -12.83
N THR A 54 -26.85 -29.35 -12.98
CA THR A 54 -26.14 -29.66 -14.24
C THR A 54 -24.99 -30.65 -14.00
N GLY A 55 -24.58 -31.35 -15.08
CA GLY A 55 -23.43 -32.26 -15.13
C GLY A 55 -23.24 -33.19 -13.95
N GLY A 56 -22.04 -33.15 -13.36
CA GLY A 56 -21.67 -33.97 -12.21
C GLY A 56 -22.44 -33.62 -10.94
N THR A 57 -22.77 -32.34 -10.74
CA THR A 57 -23.55 -31.93 -9.58
C THR A 57 -24.90 -32.67 -9.60
N PHE A 58 -25.56 -32.71 -10.78
CA PHE A 58 -26.84 -33.39 -10.97
C PHE A 58 -26.73 -34.87 -10.65
N LYS A 59 -25.71 -35.55 -11.19
CA LYS A 59 -25.52 -36.99 -10.97
C LYS A 59 -25.28 -37.29 -9.49
N LEU A 60 -24.49 -36.44 -8.81
CA LEU A 60 -24.19 -36.59 -7.38
C LEU A 60 -25.47 -36.45 -6.53
N LEU A 61 -26.33 -35.46 -6.85
CA LEU A 61 -27.57 -35.22 -6.12
C LEU A 61 -28.56 -36.35 -6.33
N LYS A 62 -28.82 -36.74 -7.60
CA LYS A 62 -29.75 -37.82 -7.97
C LYS A 62 -29.36 -39.15 -7.32
N GLU A 63 -28.04 -39.44 -7.30
CA GLU A 63 -27.41 -40.61 -6.72
C GLU A 63 -27.70 -40.71 -5.22
N ASN A 64 -27.84 -39.56 -4.54
CA ASN A 64 -28.08 -39.49 -3.10
C ASN A 64 -29.59 -39.34 -2.74
N GLY A 65 -30.45 -39.78 -3.64
CA GLY A 65 -31.91 -39.79 -3.49
C GLY A 65 -32.59 -38.44 -3.44
N ILE A 66 -31.94 -37.38 -3.91
CA ILE A 66 -32.54 -36.04 -3.92
C ILE A 66 -33.39 -35.90 -5.18
N LYS A 67 -34.61 -35.37 -5.04
CA LYS A 67 -35.47 -35.11 -6.20
C LYS A 67 -34.90 -33.88 -6.92
N VAL A 68 -34.32 -34.12 -8.10
CA VAL A 68 -33.63 -33.11 -8.89
C VAL A 68 -33.97 -33.28 -10.39
N ILE A 69 -34.04 -32.16 -11.12
CA ILE A 69 -34.29 -32.12 -12.55
C ILE A 69 -33.03 -31.56 -13.22
N GLU A 70 -32.57 -32.23 -14.29
CA GLU A 70 -31.37 -31.84 -15.03
C GLU A 70 -31.67 -30.77 -16.06
N VAL A 71 -30.80 -29.77 -16.08
CA VAL A 71 -30.78 -28.72 -17.07
C VAL A 71 -29.40 -28.80 -17.80
N SER A 72 -29.35 -28.46 -19.09
CA SER A 72 -28.08 -28.51 -19.82
C SER A 72 -27.30 -27.19 -19.69
N ASP A 73 -25.97 -27.30 -19.72
CA ASP A 73 -25.04 -26.18 -19.71
C ASP A 73 -25.02 -25.56 -21.09
N PHE A 74 -24.99 -24.23 -21.18
CA PHE A 74 -24.94 -23.52 -22.46
C PHE A 74 -23.58 -23.69 -23.14
N THR A 75 -22.52 -24.04 -22.34
CA THR A 75 -21.13 -24.26 -22.77
C THR A 75 -20.60 -23.04 -23.55
N ILE A 114 -39.13 -21.84 -20.48
CA ILE A 114 -38.85 -20.78 -19.49
C ILE A 114 -39.19 -21.30 -18.07
N LEU A 115 -38.27 -21.12 -17.09
CA LEU A 115 -38.44 -21.58 -15.70
C LEU A 115 -37.83 -20.58 -14.69
N GLY A 116 -38.59 -20.21 -13.66
CA GLY A 116 -38.18 -19.23 -12.65
C GLY A 116 -37.33 -19.83 -11.57
N ILE A 117 -36.30 -19.08 -11.11
CA ILE A 117 -35.41 -19.51 -10.03
C ILE A 117 -35.23 -18.35 -9.05
N ASP A 118 -35.04 -18.67 -7.77
CA ASP A 118 -34.84 -17.67 -6.72
C ASP A 118 -33.61 -18.04 -5.85
N LEU A 119 -32.86 -19.08 -6.22
CA LEU A 119 -31.62 -19.43 -5.54
C LEU A 119 -30.57 -19.89 -6.57
N VAL A 120 -29.39 -19.27 -6.53
CA VAL A 120 -28.28 -19.60 -7.43
C VAL A 120 -27.07 -19.96 -6.58
N CYS A 121 -26.74 -21.25 -6.59
CA CYS A 121 -25.63 -21.83 -5.85
C CYS A 121 -24.58 -22.27 -6.85
N VAL A 122 -23.61 -21.38 -7.11
CA VAL A 122 -22.57 -21.61 -8.12
C VAL A 122 -21.19 -21.19 -7.55
N ASN A 123 -20.16 -22.03 -7.77
CA ASN A 123 -18.78 -21.71 -7.40
C ASN A 123 -17.85 -22.15 -8.57
N LEU A 124 -16.61 -21.64 -8.55
CA LEU A 124 -15.70 -21.61 -9.68
C LEU A 124 -14.53 -22.61 -9.76
N TYR A 125 -14.10 -22.94 -11.03
CA TYR A 125 -12.92 -23.78 -11.35
C TYR A 125 -11.72 -23.37 -10.49
N PRO A 126 -10.98 -24.32 -9.88
CA PRO A 126 -9.90 -23.94 -8.95
C PRO A 126 -8.64 -23.43 -9.66
N PHE A 127 -8.69 -22.17 -10.12
CA PHE A 127 -7.56 -21.55 -10.83
C PHE A 127 -6.34 -21.43 -9.91
N LYS A 128 -6.53 -20.87 -8.70
CA LYS A 128 -5.47 -20.65 -7.70
C LYS A 128 -4.72 -21.99 -7.39
N LYS A 129 -5.47 -23.03 -6.98
CA LYS A 129 -4.92 -24.37 -6.68
C LYS A 129 -4.15 -24.95 -7.86
N THR A 130 -4.64 -24.78 -9.11
CA THR A 130 -3.97 -25.31 -10.30
C THR A 130 -2.58 -24.61 -10.51
N THR A 131 -2.50 -23.26 -10.35
CA THR A 131 -1.25 -22.52 -10.53
C THR A 131 -0.19 -22.88 -9.45
N ILE A 132 -0.63 -23.22 -8.22
CA ILE A 132 0.26 -23.60 -7.11
C ILE A 132 0.83 -25.01 -7.34
N MSE A 133 0.03 -25.88 -7.93
CA MSE A 133 0.28 -27.30 -8.19
C MSE A 133 0.97 -27.59 -9.51
O MSE A 133 1.52 -28.67 -9.67
CB MSE A 133 -1.07 -27.95 -8.22
CG MSE A 133 -1.14 -29.26 -7.55
SE MSE A 133 -2.97 -29.90 -7.53
CE MSE A 133 -3.82 -28.97 -9.03
N SER A 134 0.87 -26.68 -10.49
CA SER A 134 1.42 -26.92 -11.82
C SER A 134 1.88 -25.65 -12.49
N ASP A 135 2.79 -25.81 -13.45
CA ASP A 135 3.28 -24.73 -14.30
C ASP A 135 2.74 -24.91 -15.73
N ASP A 136 2.08 -26.07 -16.07
CA ASP A 136 1.50 -26.29 -17.42
C ASP A 136 0.43 -25.20 -17.69
N PHE A 137 0.80 -24.24 -18.55
CA PHE A 137 0.02 -23.05 -18.87
C PHE A 137 -1.35 -23.37 -19.48
N ASP A 138 -1.42 -24.34 -20.39
CA ASP A 138 -2.70 -24.77 -20.99
C ASP A 138 -3.68 -25.34 -19.93
N GLU A 139 -3.16 -26.02 -18.89
CA GLU A 139 -3.92 -26.57 -17.78
C GLU A 139 -4.49 -25.43 -16.92
N ILE A 140 -3.64 -24.41 -16.71
CA ILE A 140 -3.95 -23.19 -15.98
C ILE A 140 -5.05 -22.46 -16.76
N ILE A 141 -4.89 -22.28 -18.09
CA ILE A 141 -5.94 -21.62 -18.91
C ILE A 141 -7.28 -22.42 -18.81
N GLU A 142 -7.24 -23.77 -18.82
CA GLU A 142 -8.46 -24.61 -18.71
C GLU A 142 -9.21 -24.38 -17.40
N ASN A 143 -8.49 -23.99 -16.32
CA ASN A 143 -9.12 -23.75 -15.03
C ASN A 143 -9.57 -22.28 -14.86
N ILE A 144 -9.67 -21.53 -15.99
CA ILE A 144 -10.29 -20.20 -15.94
C ILE A 144 -11.78 -20.46 -16.16
N ASP A 145 -12.58 -20.23 -15.11
CA ASP A 145 -14.02 -20.41 -15.22
C ASP A 145 -14.68 -19.30 -16.06
N ILE A 146 -15.44 -19.71 -17.08
CA ILE A 146 -16.23 -18.78 -17.90
C ILE A 146 -17.69 -19.30 -17.86
N GLY A 147 -18.64 -18.40 -17.62
CA GLY A 147 -20.04 -18.79 -17.45
C GLY A 147 -20.43 -18.71 -15.98
N GLY A 148 -19.64 -19.36 -15.13
CA GLY A 148 -19.78 -19.34 -13.67
C GLY A 148 -19.78 -17.92 -13.10
N PRO A 149 -18.76 -17.06 -13.39
CA PRO A 149 -18.81 -15.69 -12.87
C PRO A 149 -20.00 -14.90 -13.40
N ALA A 150 -20.40 -15.11 -14.68
CA ALA A 150 -21.55 -14.41 -15.30
C ALA A 150 -22.83 -14.75 -14.54
N MSE A 151 -23.03 -16.03 -14.16
CA MSE A 151 -24.17 -16.49 -13.38
C MSE A 151 -24.16 -15.88 -11.97
O MSE A 151 -25.21 -15.41 -11.51
CB MSE A 151 -24.16 -18.01 -13.28
CG MSE A 151 -24.66 -18.70 -14.52
SE MSE A 151 -24.54 -20.63 -14.23
CE MSE A 151 -24.78 -21.19 -16.14
N ILE A 152 -23.00 -15.87 -11.29
CA ILE A 152 -22.85 -15.32 -9.93
C ILE A 152 -23.19 -13.81 -9.92
N ARG A 153 -22.56 -13.04 -10.82
CA ARG A 153 -22.72 -11.59 -10.98
C ARG A 153 -24.14 -11.20 -11.38
N SER A 154 -24.81 -12.00 -12.23
CA SER A 154 -26.18 -11.70 -12.68
C SER A 154 -27.18 -11.94 -11.55
N ALA A 155 -27.02 -13.03 -10.79
CA ALA A 155 -27.90 -13.33 -9.66
C ALA A 155 -27.73 -12.26 -8.56
N ALA A 156 -26.46 -11.84 -8.30
CA ALA A 156 -26.11 -10.83 -7.29
C ALA A 156 -26.82 -9.50 -7.59
N LYS A 157 -26.81 -9.06 -8.87
CA LYS A 157 -27.47 -7.81 -9.30
C LYS A 157 -28.99 -7.91 -9.02
N ASN A 158 -29.55 -9.14 -9.05
CA ASN A 158 -30.98 -9.39 -8.83
C ASN A 158 -31.28 -9.84 -7.38
N TYR A 159 -30.45 -9.40 -6.42
CA TYR A 159 -30.54 -9.75 -4.99
C TYR A 159 -31.93 -9.49 -4.37
N LYS A 160 -32.68 -8.48 -4.85
CA LYS A 160 -34.01 -8.22 -4.25
C LYS A 160 -34.92 -9.42 -4.44
N ASP A 161 -34.67 -10.22 -5.50
CA ASP A 161 -35.51 -11.36 -5.83
C ASP A 161 -34.86 -12.76 -5.66
N VAL A 162 -33.52 -12.83 -5.60
N VAL A 162 -33.51 -12.87 -5.68
CA VAL A 162 -32.74 -14.06 -5.64
CA VAL A 162 -32.78 -14.15 -5.65
C VAL A 162 -31.62 -14.12 -4.59
C VAL A 162 -31.62 -14.16 -4.65
N MSE A 163 -31.39 -15.33 -4.02
CA MSE A 163 -30.27 -15.60 -3.10
C MSE A 163 -29.07 -16.12 -3.94
O MSE A 163 -29.27 -17.02 -4.77
CB MSE A 163 -30.66 -16.66 -2.08
CG MSE A 163 -31.57 -16.18 -0.97
SE MSE A 163 -31.77 -17.69 0.27
CE MSE A 163 -29.97 -18.19 0.41
N VAL A 164 -27.88 -15.56 -3.76
CA VAL A 164 -26.66 -15.96 -4.50
C VAL A 164 -25.65 -16.53 -3.50
N LEU A 165 -25.21 -17.80 -3.74
CA LEU A 165 -24.26 -18.56 -2.91
C LEU A 165 -23.03 -18.98 -3.72
N CYS A 166 -21.84 -18.54 -3.32
CA CYS A 166 -20.63 -18.86 -4.07
C CYS A 166 -19.56 -19.47 -3.13
N ASP A 167 -19.95 -19.88 -1.90
CA ASP A 167 -19.05 -20.44 -0.90
C ASP A 167 -19.71 -21.57 -0.09
N PRO A 168 -19.19 -22.82 -0.21
CA PRO A 168 -19.72 -23.94 0.61
C PRO A 168 -19.71 -23.66 2.12
N LEU A 169 -18.82 -22.77 2.60
CA LEU A 169 -18.72 -22.42 4.03
C LEU A 169 -19.97 -21.66 4.52
N ASP A 170 -20.81 -21.13 3.59
CA ASP A 170 -22.02 -20.38 3.93
C ASP A 170 -23.30 -21.25 3.94
N TYR A 171 -23.24 -22.53 3.46
CA TYR A 171 -24.40 -23.40 3.33
C TYR A 171 -25.21 -23.56 4.64
N GLU A 172 -24.53 -23.90 5.77
CA GLU A 172 -25.18 -24.12 7.06
C GLU A 172 -25.86 -22.85 7.59
N LYS A 173 -25.21 -21.68 7.43
CA LYS A 173 -25.74 -20.37 7.83
C LYS A 173 -27.00 -20.02 7.02
N VAL A 174 -26.97 -20.29 5.70
CA VAL A 174 -28.07 -20.04 4.78
C VAL A 174 -29.28 -20.91 5.20
N ILE A 175 -29.04 -22.19 5.55
CA ILE A 175 -30.10 -23.13 5.93
C ILE A 175 -30.77 -22.66 7.22
N GLU A 176 -29.99 -22.23 8.20
CA GLU A 176 -30.52 -21.76 9.47
C GLU A 176 -31.30 -20.46 9.31
N THR A 177 -30.82 -19.54 8.44
CA THR A 177 -31.52 -18.29 8.11
C THR A 177 -32.90 -18.63 7.50
N LEU A 178 -32.94 -19.62 6.59
CA LEU A 178 -34.18 -20.04 5.94
C LEU A 178 -35.14 -20.70 6.92
N LYS A 179 -34.64 -21.59 7.80
CA LYS A 179 -35.44 -22.26 8.83
C LYS A 179 -36.04 -21.28 9.83
N LYS A 180 -35.30 -20.19 10.15
CA LYS A 180 -35.74 -19.16 11.10
C LYS A 180 -36.64 -18.08 10.44
N GLY A 181 -36.86 -18.18 9.14
CA GLY A 181 -37.64 -17.20 8.37
C GLY A 181 -36.97 -15.84 8.38
N GLN A 182 -35.65 -15.81 8.13
CA GLN A 182 -34.85 -14.59 8.17
C GLN A 182 -34.26 -14.24 6.80
N ASN A 183 -34.74 -14.86 5.72
CA ASN A 183 -34.29 -14.52 4.39
C ASN A 183 -34.97 -13.22 3.93
N ASP A 184 -34.39 -12.08 4.31
CA ASP A 184 -34.97 -10.78 3.93
C ASP A 184 -34.02 -10.07 2.94
N GLU A 185 -34.41 -8.87 2.48
CA GLU A 185 -33.64 -8.08 1.52
C GLU A 185 -32.21 -7.76 2.02
N ASN A 186 -32.02 -7.42 3.32
CA ASN A 186 -30.69 -7.14 3.87
C ASN A 186 -29.77 -8.39 3.83
N PHE A 187 -30.33 -9.57 4.10
CA PHE A 187 -29.62 -10.84 4.05
C PHE A 187 -29.14 -11.10 2.63
N ARG A 188 -30.00 -10.83 1.62
CA ARG A 188 -29.64 -11.05 0.22
C ARG A 188 -28.65 -9.97 -0.28
N LEU A 189 -28.70 -8.76 0.29
CA LEU A 189 -27.78 -7.66 -0.04
C LEU A 189 -26.36 -8.03 0.44
N ASN A 190 -26.22 -8.62 1.63
CA ASN A 190 -24.91 -9.04 2.12
C ASN A 190 -24.36 -10.21 1.29
N LEU A 191 -25.22 -11.09 0.76
CA LEU A 191 -24.81 -12.17 -0.15
C LEU A 191 -24.33 -11.58 -1.47
N MSE A 192 -24.97 -10.48 -1.93
CA MSE A 192 -24.59 -9.78 -3.17
C MSE A 192 -23.18 -9.17 -3.02
O MSE A 192 -22.39 -9.24 -3.97
CB MSE A 192 -25.63 -8.71 -3.55
CG MSE A 192 -25.18 -7.79 -4.71
SE MSE A 192 -24.35 -6.09 -4.13
CE MSE A 192 -25.99 -5.35 -3.29
N ILE A 193 -22.87 -8.56 -1.86
CA ILE A 193 -21.56 -7.98 -1.58
C ILE A 193 -20.51 -9.10 -1.62
N LYS A 194 -20.77 -10.24 -0.95
CA LYS A 194 -19.85 -11.40 -0.96
C LYS A 194 -19.62 -11.94 -2.37
N ALA A 195 -20.66 -11.91 -3.23
CA ALA A 195 -20.59 -12.40 -4.61
C ALA A 195 -19.63 -11.56 -5.45
N TYR A 196 -19.69 -10.22 -5.34
CA TYR A 196 -18.81 -9.34 -6.11
C TYR A 196 -17.40 -9.34 -5.54
N GLU A 197 -17.23 -9.58 -4.23
CA GLU A 197 -15.90 -9.71 -3.63
C GLU A 197 -15.24 -10.99 -4.18
N HIS A 198 -16.04 -12.08 -4.36
CA HIS A 198 -15.62 -13.40 -4.85
C HIS A 198 -15.18 -13.30 -6.30
N THR A 199 -15.98 -12.65 -7.19
CA THR A 199 -15.62 -12.55 -8.61
C THR A 199 -14.46 -11.55 -8.79
N ALA A 200 -14.40 -10.46 -7.98
CA ALA A 200 -13.30 -9.49 -8.02
C ALA A 200 -11.98 -10.17 -7.62
N ASN A 201 -12.03 -10.99 -6.56
CA ASN A 201 -10.87 -11.72 -6.07
C ASN A 201 -10.35 -12.73 -7.10
N TYR A 202 -11.26 -13.45 -7.77
CA TYR A 202 -10.96 -14.47 -8.76
C TYR A 202 -10.20 -13.86 -9.95
N ASP A 203 -10.73 -12.78 -10.56
CA ASP A 203 -10.09 -12.12 -11.70
C ASP A 203 -8.82 -11.35 -11.27
N ALA A 204 -8.78 -10.77 -10.04
CA ALA A 204 -7.57 -10.10 -9.51
C ALA A 204 -6.44 -11.10 -9.35
N TYR A 205 -6.76 -12.35 -8.92
CA TYR A 205 -5.76 -13.41 -8.77
C TYR A 205 -5.20 -13.84 -10.13
N ILE A 206 -6.08 -13.99 -11.13
CA ILE A 206 -5.71 -14.35 -12.49
C ILE A 206 -4.76 -13.27 -13.06
N ALA A 207 -5.13 -11.97 -12.97
CA ALA A 207 -4.33 -10.84 -13.51
C ALA A 207 -2.97 -10.74 -12.82
N ASN A 208 -2.90 -10.92 -11.48
CA ASN A 208 -1.65 -10.85 -10.72
C ASN A 208 -0.74 -12.01 -11.07
N TYR A 209 -1.31 -13.21 -11.29
CA TYR A 209 -0.54 -14.41 -11.66
C TYR A 209 0.10 -14.21 -13.05
N MSE A 210 -0.70 -13.76 -14.04
CA MSE A 210 -0.21 -13.51 -15.40
C MSE A 210 0.95 -12.49 -15.40
O MSE A 210 1.94 -12.70 -16.11
CB MSE A 210 -1.34 -12.99 -16.33
CG MSE A 210 -2.45 -14.02 -16.60
SE MSE A 210 -1.80 -15.72 -17.31
CE MSE A 210 -3.28 -16.85 -16.79
N ASN A 211 0.80 -11.39 -14.63
CA ASN A 211 1.81 -10.34 -14.55
C ASN A 211 3.05 -10.80 -13.78
N GLU A 212 2.90 -11.75 -12.85
CA GLU A 212 4.04 -12.32 -12.14
C GLU A 212 4.85 -13.25 -13.09
N ARG A 213 4.13 -14.04 -13.91
CA ARG A 213 4.73 -15.01 -14.84
C ARG A 213 5.36 -14.31 -16.07
N PHE A 214 4.69 -13.29 -16.64
CA PHE A 214 5.17 -12.68 -17.88
C PHE A 214 5.70 -11.26 -17.75
N ASN A 215 5.35 -10.50 -16.67
CA ASN A 215 5.80 -9.11 -16.59
C ASN A 215 6.55 -8.80 -15.31
N GLY A 216 7.27 -9.79 -14.77
CA GLY A 216 8.13 -9.65 -13.58
C GLY A 216 7.46 -9.13 -12.32
N GLY A 217 6.13 -9.27 -12.24
CA GLY A 217 5.36 -8.82 -11.09
C GLY A 217 5.03 -7.34 -11.08
N PHE A 218 5.28 -6.64 -12.21
CA PHE A 218 4.99 -5.21 -12.36
C PHE A 218 4.10 -4.99 -13.59
N GLY A 219 2.86 -5.45 -13.53
CA GLY A 219 1.92 -5.30 -14.64
C GLY A 219 1.32 -3.91 -14.76
N ALA A 220 0.52 -3.69 -15.82
CA ALA A 220 -0.18 -2.41 -16.09
C ALA A 220 -1.19 -2.10 -14.99
N SER A 221 -1.89 -3.13 -14.49
CA SER A 221 -2.84 -3.01 -13.37
C SER A 221 -2.39 -3.90 -12.23
N LYS A 222 -2.10 -3.31 -11.05
CA LYS A 222 -1.68 -4.04 -9.86
C LYS A 222 -2.83 -4.09 -8.83
N PHE A 223 -3.15 -5.30 -8.37
CA PHE A 223 -4.20 -5.57 -7.39
C PHE A 223 -3.59 -6.03 -6.08
N ILE A 224 -3.68 -5.18 -5.04
CA ILE A 224 -3.24 -5.50 -3.67
C ILE A 224 -4.53 -5.88 -2.94
N VAL A 225 -4.76 -7.18 -2.80
CA VAL A 225 -6.00 -7.74 -2.25
C VAL A 225 -5.77 -8.27 -0.85
N GLY A 226 -6.62 -7.85 0.07
CA GLY A 226 -6.57 -8.30 1.46
C GLY A 226 -7.89 -8.85 1.95
N GLN A 227 -7.81 -9.82 2.87
CA GLN A 227 -8.95 -10.45 3.55
C GLN A 227 -8.90 -10.01 4.99
N LYS A 228 -9.99 -9.39 5.49
CA LYS A 228 -9.99 -8.84 6.84
C LYS A 228 -9.75 -9.92 7.91
N VAL A 229 -8.84 -9.61 8.83
CA VAL A 229 -8.51 -10.45 9.98
C VAL A 229 -9.41 -9.97 11.10
N PHE A 230 -9.35 -8.65 11.42
CA PHE A 230 -10.18 -7.96 12.42
C PHE A 230 -10.05 -6.42 12.28
N ASP A 231 -11.00 -5.70 12.88
CA ASP A 231 -10.96 -4.24 13.00
C ASP A 231 -10.10 -3.92 14.23
N THR A 232 -9.32 -2.85 14.19
CA THR A 232 -8.57 -2.40 15.35
C THR A 232 -9.44 -1.39 16.09
N LYS A 233 -9.11 -1.06 17.35
CA LYS A 233 -9.87 -0.09 18.15
C LYS A 233 -9.82 1.30 17.52
N TYR A 234 -8.70 1.65 16.86
CA TYR A 234 -8.50 2.92 16.16
C TYR A 234 -7.32 2.75 15.20
N GLY A 235 -7.01 3.77 14.41
CA GLY A 235 -5.87 3.75 13.49
C GLY A 235 -4.62 4.26 14.16
N GLU A 236 -3.78 5.04 13.42
CA GLU A 236 -2.53 5.63 13.94
C GLU A 236 -2.79 6.55 15.14
N ASN A 237 -3.95 7.19 15.13
CA ASN A 237 -4.43 8.10 16.17
C ASN A 237 -5.85 7.70 16.55
N PRO A 238 -6.28 7.96 17.82
CA PRO A 238 -7.63 7.55 18.24
C PRO A 238 -8.79 8.08 17.36
N HIS A 239 -8.65 9.25 16.69
CA HIS A 239 -9.73 9.81 15.87
C HIS A 239 -9.88 9.10 14.51
N GLN A 240 -8.98 8.15 14.18
CA GLN A 240 -9.04 7.36 12.93
C GLN A 240 -9.53 5.94 13.20
N LYS A 241 -10.26 5.36 12.26
CA LYS A 241 -10.68 3.96 12.35
C LYS A 241 -9.63 3.14 11.64
N GLY A 242 -9.49 1.87 12.00
CA GLY A 242 -8.51 0.99 11.38
C GLY A 242 -8.91 -0.47 11.33
N ALA A 243 -8.17 -1.27 10.53
CA ALA A 243 -8.36 -2.74 10.38
C ALA A 243 -7.06 -3.40 9.91
N LEU A 244 -6.95 -4.72 10.18
CA LEU A 244 -5.86 -5.57 9.69
C LEU A 244 -6.36 -6.47 8.56
N TYR A 245 -5.64 -6.50 7.42
CA TYR A 245 -5.92 -7.34 6.27
C TYR A 245 -4.74 -8.29 6.00
N GLU A 246 -5.03 -9.50 5.50
CA GLU A 246 -3.98 -10.47 5.17
C GLU A 246 -4.09 -10.95 3.71
N PHE A 247 -2.95 -11.33 3.09
CA PHE A 247 -2.94 -11.79 1.70
C PHE A 247 -3.46 -13.20 1.59
N ASP A 248 -3.03 -14.07 2.50
CA ASP A 248 -3.52 -15.43 2.55
C ASP A 248 -4.20 -16.02 3.77
N ALA A 249 -3.42 -16.54 4.69
CA ALA A 249 -3.82 -16.84 6.06
C ALA A 249 -2.73 -16.59 7.11
N PHE A 250 -1.78 -15.73 6.81
CA PHE A 250 -0.63 -15.61 7.70
C PHE A 250 -1.00 -15.22 9.13
N PHE A 251 -1.83 -14.18 9.31
CA PHE A 251 -2.20 -13.71 10.65
C PHE A 251 -3.25 -14.62 11.30
N SER A 252 -4.20 -15.14 10.50
CA SER A 252 -5.26 -16.06 10.94
C SER A 252 -4.70 -17.36 11.50
N ALA A 253 -3.70 -17.93 10.81
CA ALA A 253 -3.11 -19.23 11.15
C ALA A 253 -1.97 -19.16 12.16
N ASN A 254 -1.25 -18.04 12.31
CA ASN A 254 -0.06 -18.04 13.17
C ASN A 254 -0.10 -17.08 14.38
N PHE A 255 -1.23 -16.45 14.67
CA PHE A 255 -1.29 -15.52 15.80
C PHE A 255 -2.52 -15.75 16.63
N LYS A 256 -2.32 -15.86 17.95
CA LYS A 256 -3.39 -16.06 18.92
C LYS A 256 -3.18 -15.08 20.06
N ALA A 257 -4.18 -14.22 20.28
CA ALA A 257 -4.18 -13.25 21.36
C ALA A 257 -4.58 -13.95 22.65
N LEU A 258 -3.66 -14.01 23.61
CA LEU A 258 -3.95 -14.64 24.91
C LEU A 258 -4.55 -13.62 25.88
N LYS A 259 -4.19 -12.35 25.70
CA LYS A 259 -4.66 -11.22 26.49
C LYS A 259 -4.71 -9.97 25.63
N GLY A 260 -5.84 -9.27 25.72
CA GLY A 260 -6.08 -8.01 25.03
C GLY A 260 -6.24 -8.11 23.53
N GLU A 261 -6.25 -6.95 22.89
CA GLU A 261 -6.42 -6.79 21.45
C GLU A 261 -5.41 -5.80 20.93
N ALA A 262 -4.74 -6.14 19.84
CA ALA A 262 -3.73 -5.27 19.27
C ALA A 262 -4.34 -4.07 18.60
N SER A 263 -3.72 -2.89 18.86
CA SER A 263 -4.07 -1.64 18.21
C SER A 263 -3.39 -1.62 16.84
N PHE A 264 -3.72 -0.63 16.00
CA PHE A 264 -3.13 -0.45 14.68
C PHE A 264 -1.61 -0.27 14.80
N ASN A 265 -1.13 0.57 15.74
CA ASN A 265 0.28 0.84 15.94
C ASN A 265 0.99 -0.35 16.56
N ASN A 266 0.30 -1.15 17.39
CA ASN A 266 0.82 -2.37 17.98
C ASN A 266 1.25 -3.34 16.88
N LEU A 267 0.42 -3.47 15.82
CA LEU A 267 0.64 -4.36 14.68
C LEU A 267 1.86 -3.99 13.85
N THR A 268 2.11 -2.69 13.61
CA THR A 268 3.29 -2.29 12.83
C THR A 268 4.54 -2.47 13.73
N ASP A 269 4.40 -2.30 15.06
CA ASP A 269 5.50 -2.49 16.03
C ASP A 269 5.81 -3.98 16.19
N ILE A 270 4.77 -4.85 16.22
CA ILE A 270 4.91 -6.32 16.30
C ILE A 270 5.67 -6.80 15.06
N ASN A 271 5.25 -6.35 13.87
CA ASN A 271 5.88 -6.67 12.60
C ASN A 271 7.40 -6.40 12.67
N ALA A 272 7.78 -5.20 13.12
CA ALA A 272 9.19 -4.79 13.23
C ALA A 272 9.96 -5.65 14.28
N ALA A 273 9.37 -5.89 15.47
CA ALA A 273 10.03 -6.67 16.51
C ALA A 273 10.16 -8.16 16.13
N LEU A 274 9.10 -8.74 15.52
CA LEU A 274 9.04 -10.12 15.07
C LEU A 274 10.05 -10.37 13.94
N ASN A 275 10.14 -9.46 12.95
CA ASN A 275 11.07 -9.59 11.83
C ASN A 275 12.53 -9.62 12.32
N LEU A 276 12.87 -8.80 13.33
CA LEU A 276 14.20 -8.78 13.90
C LEU A 276 14.50 -10.03 14.75
N ALA A 277 13.59 -10.42 15.67
CA ALA A 277 13.81 -11.53 16.57
C ALA A 277 13.79 -12.92 15.87
N SER A 278 13.29 -12.99 14.63
CA SER A 278 13.22 -14.24 13.85
C SER A 278 14.29 -14.28 12.75
N SER A 279 15.26 -13.36 12.79
CA SER A 279 16.31 -13.26 11.76
C SER A 279 17.58 -14.04 12.11
N PHE A 280 17.58 -14.81 13.22
CA PHE A 280 18.77 -15.51 13.74
C PHE A 280 18.47 -16.99 14.09
N ASP A 281 17.61 -17.65 13.29
CA ASP A 281 17.20 -19.04 13.42
C ASP A 281 16.65 -19.39 14.84
N LYS A 282 17.30 -20.32 15.55
CA LYS A 282 16.88 -20.79 16.87
C LYS A 282 17.57 -20.06 18.03
N ALA A 283 18.35 -19.03 17.76
CA ALA A 283 19.03 -18.29 18.83
C ALA A 283 18.05 -17.52 19.72
N PRO A 284 18.36 -17.37 21.00
CA PRO A 284 17.40 -16.78 21.91
C PRO A 284 17.39 -15.26 21.85
N ALA A 285 16.97 -14.75 20.70
CA ALA A 285 16.85 -13.34 20.46
C ALA A 285 15.66 -12.68 21.16
N ILE A 286 15.89 -11.47 21.62
CA ILE A 286 14.87 -10.59 22.20
C ILE A 286 14.96 -9.26 21.46
N ALA A 287 13.83 -8.79 20.90
CA ALA A 287 13.76 -7.48 20.24
C ALA A 287 12.77 -6.60 20.99
N ILE A 288 13.17 -5.33 21.24
CA ILE A 288 12.30 -4.36 21.92
C ILE A 288 12.13 -3.21 20.94
N VAL A 289 10.87 -2.89 20.61
CA VAL A 289 10.57 -1.84 19.66
C VAL A 289 9.68 -0.78 20.31
N LYS A 290 9.96 0.49 20.01
CA LYS A 290 9.15 1.62 20.45
C LYS A 290 8.98 2.59 19.28
N HIS A 291 7.71 2.93 18.95
CA HIS A 291 7.32 3.83 17.83
C HIS A 291 7.97 3.41 16.49
N GLY A 292 7.92 2.11 16.20
CA GLY A 292 8.44 1.52 14.97
C GLY A 292 9.94 1.31 14.86
N ASN A 293 10.69 1.79 15.85
CA ASN A 293 12.14 1.64 15.82
C ASN A 293 12.65 0.73 16.93
N PRO A 294 13.75 -0.01 16.69
CA PRO A 294 14.32 -0.82 17.79
C PRO A 294 14.97 0.06 18.86
N CYS A 295 14.71 -0.25 20.12
CA CYS A 295 15.35 0.46 21.24
C CYS A 295 16.14 -0.56 22.07
N GLY A 296 15.98 -1.84 21.75
CA GLY A 296 16.68 -2.94 22.40
C GLY A 296 16.76 -4.19 21.55
N PHE A 297 17.90 -4.89 21.63
CA PHE A 297 18.19 -6.16 20.97
C PHE A 297 19.37 -6.84 21.59
N ALA A 298 19.23 -8.15 21.86
CA ALA A 298 20.30 -8.98 22.41
C ALA A 298 20.07 -10.45 22.15
N ILE A 299 21.17 -11.16 21.95
CA ILE A 299 21.20 -12.61 21.99
C ILE A 299 22.24 -13.00 23.02
N LYS A 300 21.81 -13.69 24.06
CA LYS A 300 22.68 -14.10 25.15
C LYS A 300 22.61 -15.61 25.32
N GLU A 301 23.06 -16.10 26.47
CA GLU A 301 23.06 -17.51 26.77
C GLU A 301 21.65 -18.10 26.80
N ASN A 302 20.72 -17.31 27.32
CA ASN A 302 19.31 -17.70 27.46
C ASN A 302 18.41 -16.47 27.29
N LEU A 303 17.09 -16.68 27.21
CA LEU A 303 16.11 -15.60 26.96
C LEU A 303 16.05 -14.55 28.07
N VAL A 304 16.21 -14.94 29.35
CA VAL A 304 16.21 -14.02 30.48
C VAL A 304 17.42 -13.07 30.34
N GLN A 305 18.62 -13.60 30.04
CA GLN A 305 19.84 -12.80 29.84
C GLN A 305 19.73 -11.91 28.63
N SER A 306 19.07 -12.41 27.56
CA SER A 306 18.86 -11.65 26.33
C SER A 306 17.95 -10.45 26.64
N TYR A 307 16.91 -10.64 27.46
CA TYR A 307 16.00 -9.54 27.82
C TYR A 307 16.71 -8.45 28.64
N ILE A 308 17.45 -8.83 29.71
CA ILE A 308 18.16 -7.89 30.59
C ILE A 308 19.16 -7.02 29.78
N HIS A 309 19.87 -7.61 28.79
CA HIS A 309 20.85 -6.87 27.99
C HIS A 309 20.21 -6.03 26.90
N ALA A 310 19.07 -6.46 26.34
CA ALA A 310 18.32 -5.67 25.37
C ALA A 310 17.81 -4.38 26.05
N LEU A 311 17.22 -4.54 27.26
CA LEU A 311 16.66 -3.45 28.08
C LEU A 311 17.72 -2.40 28.49
N LYS A 312 18.98 -2.83 28.72
CA LYS A 312 20.12 -1.95 29.11
C LYS A 312 20.42 -0.84 28.09
N CYS A 313 20.13 -1.05 26.81
CA CYS A 313 20.41 -0.03 25.83
C CYS A 313 19.61 1.25 26.04
N ASP A 314 18.32 1.09 26.34
CA ASP A 314 17.45 2.22 26.60
C ASP A 314 16.25 1.80 27.46
N SER A 315 16.40 1.82 28.78
CA SER A 315 15.31 1.46 29.67
C SER A 315 14.14 2.44 29.57
N VAL A 316 14.46 3.71 29.40
CA VAL A 316 13.50 4.82 29.36
C VAL A 316 12.45 4.57 28.24
N SER A 317 12.89 4.30 26.98
CA SER A 317 12.04 4.06 25.82
C SER A 317 11.32 2.70 25.84
N ALA A 318 11.89 1.68 26.52
CA ALA A 318 11.30 0.34 26.59
C ALA A 318 10.00 0.31 27.40
N TYR A 319 9.81 1.30 28.31
CA TYR A 319 8.60 1.46 29.10
C TYR A 319 7.44 1.77 28.15
N GLY A 320 6.58 0.78 27.97
CA GLY A 320 5.45 0.87 27.04
C GLY A 320 5.77 0.36 25.65
N GLY A 321 6.89 -0.35 25.53
CA GLY A 321 7.36 -0.91 24.27
C GLY A 321 6.74 -2.25 23.88
N VAL A 322 7.22 -2.79 22.75
CA VAL A 322 6.77 -4.07 22.19
C VAL A 322 7.96 -5.04 22.25
N VAL A 323 7.74 -6.20 22.89
CA VAL A 323 8.76 -7.21 23.11
C VAL A 323 8.46 -8.47 22.28
N ALA A 324 9.43 -8.90 21.43
CA ALA A 324 9.32 -10.15 20.66
C ALA A 324 10.32 -11.15 21.19
N ILE A 325 9.86 -12.35 21.55
CA ILE A 325 10.66 -13.41 22.18
C ILE A 325 10.79 -14.61 21.24
N ASN A 326 12.04 -14.94 20.81
CA ASN A 326 12.23 -16.09 19.93
C ASN A 326 12.33 -17.39 20.77
N GLY A 327 11.19 -17.79 21.31
CA GLY A 327 11.08 -18.99 22.16
C GLY A 327 9.97 -18.89 23.19
N THR A 328 10.12 -19.63 24.28
CA THR A 328 9.16 -19.72 25.38
C THR A 328 9.18 -18.52 26.35
N LEU A 329 7.99 -17.97 26.60
CA LEU A 329 7.77 -16.98 27.64
C LEU A 329 7.40 -17.81 28.90
N ASP A 330 8.38 -18.04 29.79
CA ASP A 330 8.15 -18.79 31.01
C ASP A 330 7.87 -17.81 32.17
N GLU A 331 7.57 -18.33 33.37
CA GLU A 331 7.26 -17.54 34.56
C GLU A 331 8.41 -16.57 34.92
N ALA A 332 9.67 -17.06 34.87
CA ALA A 332 10.88 -16.28 35.20
C ALA A 332 11.03 -15.06 34.28
N LEU A 333 10.94 -15.28 32.95
CA LEU A 333 11.04 -14.21 31.96
C LEU A 333 9.89 -13.20 32.13
N ALA A 334 8.65 -13.70 32.36
CA ALA A 334 7.44 -12.90 32.57
C ALA A 334 7.61 -11.91 33.74
N ASN A 335 8.11 -12.37 34.92
CA ASN A 335 8.36 -11.52 36.09
C ASN A 335 9.42 -10.46 35.80
N LYS A 336 10.49 -10.83 35.06
CA LYS A 336 11.57 -9.92 34.69
C LYS A 336 11.01 -8.77 33.84
N ILE A 337 10.18 -9.10 32.83
CA ILE A 337 9.54 -8.13 31.94
C ILE A 337 8.53 -7.30 32.77
N ASN A 338 7.79 -7.97 33.68
CA ASN A 338 6.79 -7.32 34.52
C ASN A 338 7.38 -6.31 35.55
N GLU A 339 8.70 -6.07 35.54
CA GLU A 339 9.31 -5.05 36.39
C GLU A 339 8.95 -3.64 35.85
N ILE A 340 8.78 -3.53 34.52
CA ILE A 340 8.38 -2.30 33.82
C ILE A 340 7.01 -2.57 33.13
N TYR A 341 6.29 -1.52 32.68
CA TYR A 341 4.98 -1.71 32.01
C TYR A 341 5.16 -1.69 30.50
N VAL A 342 5.27 -2.87 29.85
CA VAL A 342 5.37 -2.94 28.38
C VAL A 342 3.95 -2.98 27.81
N GLU A 343 3.76 -2.51 26.56
CA GLU A 343 2.43 -2.54 25.96
C GLU A 343 2.14 -3.92 25.34
N VAL A 344 3.14 -4.54 24.69
CA VAL A 344 2.92 -5.81 23.97
C VAL A 344 4.06 -6.82 24.20
N ILE A 345 3.71 -8.11 24.29
CA ILE A 345 4.64 -9.23 24.33
C ILE A 345 4.17 -10.25 23.30
N ILE A 346 5.05 -10.58 22.35
CA ILE A 346 4.76 -11.63 21.38
C ILE A 346 5.85 -12.68 21.55
N ALA A 347 5.43 -13.90 21.88
CA ALA A 347 6.34 -15.02 22.07
C ALA A 347 5.96 -16.13 21.15
N ALA A 348 6.92 -16.99 20.83
CA ALA A 348 6.69 -18.15 19.98
C ALA A 348 5.64 -19.08 20.63
N ASN A 349 5.73 -19.27 21.96
CA ASN A 349 4.83 -20.06 22.82
C ASN A 349 4.88 -19.48 24.26
N VAL A 350 3.75 -19.57 25.00
CA VAL A 350 3.61 -19.00 26.34
C VAL A 350 3.13 -20.05 27.36
N ASP A 351 3.81 -20.15 28.52
CA ASP A 351 3.40 -21.05 29.60
C ASP A 351 2.20 -20.43 30.35
N GLU A 352 1.29 -21.28 30.90
CA GLU A 352 0.12 -20.84 31.66
C GLU A 352 0.51 -19.91 32.82
N LYS A 353 1.52 -20.31 33.63
CA LYS A 353 2.04 -19.55 34.77
C LYS A 353 2.62 -18.19 34.35
N ALA A 354 3.15 -18.09 33.10
CA ALA A 354 3.69 -16.83 32.59
C ALA A 354 2.58 -15.84 32.28
N LEU A 355 1.45 -16.34 31.76
CA LEU A 355 0.27 -15.54 31.44
C LEU A 355 -0.38 -14.97 32.71
N ALA A 356 -0.39 -15.75 33.81
CA ALA A 356 -0.95 -15.38 35.11
C ALA A 356 -0.21 -14.18 35.77
N VAL A 357 1.08 -13.99 35.46
CA VAL A 357 1.93 -12.91 35.99
C VAL A 357 1.36 -11.50 35.61
N PHE A 358 0.68 -11.40 34.45
CA PHE A 358 0.14 -10.14 33.94
C PHE A 358 -1.37 -9.95 34.21
N GLU A 359 -1.95 -10.72 35.16
CA GLU A 359 -3.38 -10.62 35.51
C GLU A 359 -3.78 -9.20 36.01
N GLY A 360 -2.84 -8.50 36.61
CA GLY A 360 -3.01 -7.13 37.11
C GLY A 360 -3.01 -6.02 36.07
N LYS A 361 -2.07 -6.06 35.10
CA LYS A 361 -1.92 -5.01 34.05
C LYS A 361 -3.11 -5.05 33.09
N LYS A 362 -3.86 -3.95 33.01
CA LYS A 362 -5.07 -3.81 32.19
C LYS A 362 -4.79 -3.59 30.68
N ARG A 363 -3.77 -2.78 30.32
CA ARG A 363 -3.51 -2.44 28.91
C ARG A 363 -2.39 -3.28 28.21
N ILE A 364 -1.77 -4.28 28.89
CA ILE A 364 -0.75 -5.15 28.26
C ILE A 364 -1.45 -6.16 27.32
N LYS A 365 -0.84 -6.43 26.15
CA LYS A 365 -1.34 -7.42 25.19
C LYS A 365 -0.33 -8.57 25.04
N ILE A 366 -0.80 -9.82 25.14
CA ILE A 366 0.08 -10.98 25.04
C ILE A 366 -0.37 -11.84 23.86
N PHE A 367 0.58 -12.17 22.98
CA PHE A 367 0.36 -12.98 21.79
C PHE A 367 1.26 -14.19 21.77
N THR A 368 0.74 -15.30 21.25
CA THR A 368 1.46 -16.56 21.06
C THR A 368 1.30 -17.02 19.61
N GLN A 369 2.26 -17.81 19.14
CA GLN A 369 2.24 -18.41 17.79
C GLN A 369 2.10 -19.92 17.89
N GLU A 370 2.02 -20.46 19.13
CA GLU A 370 1.92 -21.90 19.45
C GLU A 370 2.95 -22.69 18.64
N SER A 371 4.21 -22.24 18.74
CA SER A 371 5.35 -22.72 17.97
C SER A 371 6.61 -22.75 18.84
N PRO A 372 7.62 -23.63 18.58
CA PRO A 372 8.85 -23.58 19.39
C PRO A 372 9.63 -22.28 19.15
N PHE A 373 9.64 -21.77 17.90
CA PHE A 373 10.35 -20.54 17.53
C PHE A 373 9.42 -19.63 16.69
N LEU A 374 9.72 -18.32 16.65
CA LEU A 374 8.90 -17.33 15.95
C LEU A 374 8.78 -17.64 14.45
N ILE A 375 7.56 -17.43 13.91
CA ILE A 375 7.25 -17.63 12.48
C ILE A 375 6.98 -16.25 11.82
N ARG A 376 7.73 -15.94 10.74
CA ARG A 376 7.50 -14.67 10.03
C ARG A 376 7.04 -14.95 8.61
N SER A 377 6.59 -13.90 7.94
CA SER A 377 6.14 -13.94 6.56
C SER A 377 7.26 -13.33 5.71
N PHE A 378 7.34 -13.75 4.46
CA PHE A 378 8.38 -13.36 3.51
C PHE A 378 7.76 -12.83 2.20
N ASP A 379 7.06 -11.70 2.28
CA ASP A 379 6.45 -11.06 1.11
C ASP A 379 7.53 -10.67 0.09
N LYS A 380 7.31 -11.04 -1.18
CA LYS A 380 8.24 -10.71 -2.26
C LYS A 380 8.20 -9.21 -2.61
N TYR A 381 7.04 -8.53 -2.39
CA TYR A 381 6.92 -7.14 -2.78
C TYR A 381 6.52 -6.23 -1.62
N ASP A 382 6.90 -4.96 -1.76
CA ASP A 382 6.65 -3.90 -0.80
C ASP A 382 5.96 -2.74 -1.53
N PHE A 383 5.23 -1.93 -0.78
CA PHE A 383 4.48 -0.81 -1.33
C PHE A 383 4.34 0.27 -0.29
N LYS A 384 4.26 1.53 -0.75
CA LYS A 384 4.10 2.70 0.12
C LYS A 384 3.01 3.60 -0.45
N HIS A 385 2.04 4.00 0.41
CA HIS A 385 0.98 4.92 -0.02
C HIS A 385 1.52 6.36 -0.16
N ILE A 386 1.18 7.00 -1.27
CA ILE A 386 1.45 8.42 -1.55
C ILE A 386 0.12 8.96 -2.04
N ASP A 387 -0.18 10.24 -1.82
CA ASP A 387 -1.49 10.74 -2.23
C ASP A 387 -1.66 10.64 -3.76
N GLY A 388 -2.66 9.88 -4.16
CA GLY A 388 -2.98 9.64 -5.56
C GLY A 388 -2.68 8.24 -6.05
N GLY A 389 -1.99 7.44 -5.22
CA GLY A 389 -1.63 6.07 -5.58
C GLY A 389 -0.65 5.43 -4.63
N PHE A 390 0.33 4.70 -5.18
CA PHE A 390 1.35 4.02 -4.40
C PHE A 390 2.57 3.75 -5.25
N VAL A 391 3.72 3.62 -4.58
CA VAL A 391 4.98 3.20 -5.20
C VAL A 391 5.12 1.72 -4.83
N TYR A 392 5.61 0.92 -5.76
CA TYR A 392 5.70 -0.54 -5.62
C TYR A 392 7.11 -1.00 -5.93
N GLN A 393 7.61 -2.00 -5.18
CA GLN A 393 8.97 -2.47 -5.39
C GLN A 393 9.19 -3.88 -4.86
N ASN A 394 10.36 -4.49 -5.17
CA ASN A 394 10.78 -5.75 -4.54
C ASN A 394 11.07 -5.49 -3.09
N SER A 395 10.76 -6.45 -2.22
CA SER A 395 11.04 -6.33 -0.79
C SER A 395 12.54 -6.26 -0.54
N ASP A 396 12.96 -5.41 0.40
CA ASP A 396 14.38 -5.41 0.75
C ASP A 396 14.64 -6.57 1.71
N GLU A 397 15.87 -7.07 1.73
CA GLU A 397 16.27 -8.21 2.55
C GLU A 397 17.77 -8.17 2.76
N VAL A 398 18.23 -8.59 3.95
CA VAL A 398 19.67 -8.73 4.20
C VAL A 398 20.00 -10.13 3.76
N GLY A 399 20.74 -10.24 2.64
CA GLY A 399 21.14 -11.53 2.08
C GLY A 399 21.96 -12.33 3.08
N GLU A 400 21.80 -13.66 3.08
CA GLU A 400 22.48 -14.57 4.01
C GLU A 400 24.01 -14.47 3.90
N ASP A 401 24.54 -14.15 2.71
CA ASP A 401 25.97 -14.02 2.44
C ASP A 401 26.42 -12.55 2.24
N GLU A 402 25.64 -11.56 2.71
CA GLU A 402 25.98 -10.15 2.55
C GLU A 402 27.29 -9.78 3.25
N LEU A 403 27.49 -10.24 4.48
CA LEU A 403 28.73 -9.97 5.24
C LEU A 403 29.85 -10.90 4.77
N LYS A 404 29.52 -12.17 4.47
CA LYS A 404 30.49 -13.17 3.97
C LYS A 404 31.13 -12.75 2.64
N ASN A 405 30.35 -12.12 1.75
CA ASN A 405 30.81 -11.68 0.44
C ASN A 405 31.33 -10.23 0.44
N ALA A 406 31.31 -9.55 1.61
CA ALA A 406 31.76 -8.16 1.73
C ALA A 406 33.27 -8.08 1.51
N LYS A 407 33.74 -6.93 0.98
CA LYS A 407 35.18 -6.73 0.77
C LYS A 407 35.85 -6.22 2.04
N LEU A 408 36.93 -6.89 2.48
CA LEU A 408 37.73 -6.44 3.62
C LEU A 408 38.61 -5.32 3.09
N MSE A 409 38.39 -4.09 3.59
CA MSE A 409 39.10 -2.90 3.10
C MSE A 409 40.32 -2.55 3.91
O MSE A 409 41.22 -1.86 3.40
CB MSE A 409 38.16 -1.68 3.08
CG MSE A 409 36.84 -1.91 2.36
SE MSE A 409 37.07 -2.45 0.48
CE MSE A 409 37.97 -0.85 -0.21
N SER A 410 40.35 -2.98 5.17
CA SER A 410 41.36 -2.62 6.15
C SER A 410 42.48 -3.64 6.34
N GLN A 411 43.52 -3.21 7.05
CA GLN A 411 44.67 -4.02 7.43
C GLN A 411 44.19 -5.16 8.36
N ARG A 412 43.29 -4.82 9.29
CA ARG A 412 42.77 -5.74 10.29
C ARG A 412 41.51 -6.44 9.85
N GLU A 413 41.45 -7.71 10.19
CA GLU A 413 40.32 -8.59 9.96
C GLU A 413 39.57 -8.74 11.29
N ALA A 414 38.23 -8.77 11.25
CA ALA A 414 37.43 -8.94 12.46
C ALA A 414 37.51 -10.39 12.97
N SER A 415 37.43 -10.57 14.30
CA SER A 415 37.43 -11.90 14.93
C SER A 415 36.07 -12.58 14.71
N LYS A 416 35.94 -13.86 15.12
CA LYS A 416 34.71 -14.63 14.96
C LYS A 416 33.56 -14.01 15.76
N GLU A 417 33.85 -13.50 16.97
CA GLU A 417 32.86 -12.84 17.82
C GLU A 417 32.44 -11.49 17.24
N GLU A 418 33.40 -10.74 16.68
CA GLU A 418 33.16 -9.45 16.04
C GLU A 418 32.33 -9.61 14.78
N LEU A 419 32.54 -10.69 14.00
CA LEU A 419 31.76 -10.98 12.80
C LEU A 419 30.30 -11.29 13.16
N LYS A 420 30.05 -11.97 14.30
CA LYS A 420 28.71 -12.25 14.81
C LYS A 420 28.02 -10.94 15.19
N ASP A 421 28.74 -10.02 15.87
CA ASP A 421 28.22 -8.72 16.26
C ASP A 421 27.92 -7.86 15.04
N LEU A 422 28.76 -7.92 13.99
CA LEU A 422 28.55 -7.15 12.75
C LEU A 422 27.27 -7.59 12.05
N GLU A 423 27.03 -8.92 12.01
CA GLU A 423 25.86 -9.57 11.44
C GLU A 423 24.60 -9.04 12.14
N ILE A 424 24.63 -8.96 13.49
CA ILE A 424 23.55 -8.43 14.31
C ILE A 424 23.35 -6.95 13.97
N ALA A 425 24.44 -6.14 13.97
CA ALA A 425 24.40 -4.70 13.70
C ALA A 425 23.84 -4.37 12.29
N MSE A 426 24.25 -5.13 11.26
CA MSE A 426 23.78 -5.01 9.87
C MSE A 426 22.27 -5.15 9.74
O MSE A 426 21.64 -4.37 9.04
CB MSE A 426 24.37 -6.14 9.05
CG MSE A 426 25.69 -5.88 8.44
SE MSE A 426 25.93 -7.33 7.19
CE MSE A 426 25.08 -6.52 5.71
N LYS A 427 21.74 -6.21 10.37
CA LYS A 427 20.33 -6.57 10.33
C LYS A 427 19.49 -5.54 11.06
N ILE A 428 19.96 -5.03 12.22
CA ILE A 428 19.22 -3.99 12.95
C ILE A 428 19.17 -2.72 12.08
N ALA A 429 20.32 -2.29 11.54
CA ALA A 429 20.44 -1.08 10.70
C ALA A 429 19.53 -1.15 9.47
N ALA A 430 19.47 -2.32 8.79
CA ALA A 430 18.64 -2.51 7.61
C ALA A 430 17.15 -2.45 7.92
N PHE A 431 16.72 -2.93 9.10
CA PHE A 431 15.30 -2.90 9.52
C PHE A 431 14.89 -1.54 10.07
N THR A 432 15.83 -0.72 10.53
CA THR A 432 15.60 0.60 11.12
C THR A 432 15.45 1.67 10.03
N LYS A 433 14.54 2.66 10.26
CA LYS A 433 14.34 3.80 9.36
C LYS A 433 15.61 4.65 9.34
N SER A 434 16.10 4.96 8.15
CA SER A 434 17.36 5.69 7.91
C SER A 434 17.23 7.21 8.19
N ASN A 435 18.36 7.96 8.30
CA ASN A 435 19.76 7.51 8.33
C ASN A 435 20.09 7.08 9.75
N ASN A 436 20.73 5.93 9.92
CA ASN A 436 21.00 5.41 11.26
C ASN A 436 22.42 4.84 11.43
N VAL A 437 22.82 4.66 12.70
CA VAL A 437 24.05 4.04 13.14
C VAL A 437 23.68 3.05 14.26
N VAL A 438 24.21 1.82 14.19
CA VAL A 438 23.92 0.77 15.18
C VAL A 438 25.24 0.26 15.75
N TYR A 439 25.35 0.24 17.08
CA TYR A 439 26.52 -0.22 17.84
C TYR A 439 26.16 -1.48 18.60
N VAL A 440 26.90 -2.58 18.36
CA VAL A 440 26.63 -3.89 18.99
C VAL A 440 27.90 -4.40 19.68
N LYS A 441 27.74 -4.98 20.87
CA LYS A 441 28.84 -5.52 21.66
C LYS A 441 28.40 -6.79 22.38
N ASN A 442 29.14 -7.90 22.15
CA ASN A 442 28.92 -9.24 22.71
C ASN A 442 27.45 -9.71 22.58
N GLY A 443 26.92 -9.63 21.35
CA GLY A 443 25.58 -10.09 21.02
C GLY A 443 24.44 -9.19 21.41
N ALA A 444 24.74 -8.00 21.98
CA ALA A 444 23.75 -7.03 22.43
C ALA A 444 23.97 -5.65 21.83
N MSE A 445 22.88 -5.00 21.41
CA MSE A 445 22.91 -3.62 20.92
C MSE A 445 23.20 -2.74 22.13
O MSE A 445 22.54 -2.88 23.18
CB MSE A 445 21.59 -3.23 20.24
CG MSE A 445 21.62 -1.84 19.63
SE MSE A 445 20.01 -1.38 18.62
CE MSE A 445 18.86 -0.93 20.06
N VAL A 446 24.20 -1.84 22.01
CA VAL A 446 24.65 -0.99 23.12
C VAL A 446 24.34 0.49 22.86
N ALA A 447 24.08 0.85 21.58
CA ALA A 447 23.73 2.21 21.17
C ALA A 447 23.11 2.21 19.80
N ILE A 448 22.26 3.22 19.54
CA ILE A 448 21.56 3.42 18.27
C ILE A 448 21.25 4.93 18.10
N GLY A 449 21.53 5.44 16.92
CA GLY A 449 21.27 6.82 16.56
C GLY A 449 20.51 6.84 15.26
N MSE A 450 19.53 7.76 15.12
CA MSE A 450 18.68 7.88 13.93
C MSE A 450 17.91 9.22 13.92
O MSE A 450 17.99 9.97 14.89
CB MSE A 450 17.68 6.69 13.84
CG MSE A 450 16.49 6.77 14.84
SE MSE A 450 16.79 6.23 16.72
CE MSE A 450 16.45 4.39 16.54
N GLY A 451 17.16 9.46 12.84
CA GLY A 451 16.26 10.60 12.65
C GLY A 451 16.85 11.97 12.37
N MSE A 452 18.13 12.16 12.72
CA MSE A 452 18.85 13.43 12.55
C MSE A 452 19.23 13.68 11.09
O MSE A 452 19.34 12.72 10.31
CB MSE A 452 20.13 13.44 13.41
CG MSE A 452 20.07 12.53 14.62
SE MSE A 452 20.08 13.46 16.31
CE MSE A 452 18.28 14.07 16.27
N THR A 453 19.45 14.97 10.73
CA THR A 453 19.88 15.38 9.38
C THR A 453 21.29 14.84 9.05
N SER A 454 22.15 14.61 10.08
CA SER A 454 23.50 14.06 9.90
C SER A 454 23.73 12.87 10.82
N ARG A 455 24.46 11.86 10.34
CA ARG A 455 24.79 10.70 11.15
C ARG A 455 25.86 11.04 12.19
N ILE A 456 26.70 12.09 11.94
CA ILE A 456 27.71 12.53 12.94
C ILE A 456 26.91 13.06 14.16
N ASP A 457 25.78 13.77 13.91
CA ASP A 457 24.88 14.26 14.94
C ASP A 457 24.13 13.07 15.60
N ALA A 458 23.71 12.05 14.80
CA ALA A 458 23.03 10.83 15.27
C ALA A 458 23.94 9.99 16.18
N ALA A 459 25.22 9.87 15.79
CA ALA A 459 26.24 9.13 16.55
C ALA A 459 26.48 9.78 17.92
N LYS A 460 26.50 11.14 17.99
CA LYS A 460 26.71 11.88 19.24
C LYS A 460 25.53 11.69 20.20
N ALA A 461 24.32 11.59 19.68
CA ALA A 461 23.10 11.33 20.46
C ALA A 461 23.09 9.88 20.97
N ALA A 462 23.62 8.94 20.15
CA ALA A 462 23.74 7.52 20.48
C ALA A 462 24.73 7.32 21.63
N ILE A 463 25.91 8.00 21.56
CA ILE A 463 26.99 7.92 22.57
C ILE A 463 26.49 8.54 23.89
N ALA A 464 25.72 9.65 23.81
CA ALA A 464 25.15 10.36 24.96
C ALA A 464 24.21 9.45 25.75
N LYS A 465 23.34 8.68 25.06
CA LYS A 465 22.40 7.73 25.67
C LYS A 465 23.16 6.55 26.30
N ALA A 466 24.23 6.06 25.63
CA ALA A 466 25.07 4.95 26.10
C ALA A 466 25.82 5.33 27.39
N LYS A 467 26.32 6.60 27.49
CA LYS A 467 27.02 7.13 28.66
C LYS A 467 26.03 7.23 29.83
N GLU A 468 24.80 7.70 29.54
CA GLU A 468 23.68 7.84 30.48
C GLU A 468 23.30 6.47 31.05
N MSE A 469 23.31 5.43 30.20
CA MSE A 469 22.99 4.04 30.55
C MSE A 469 24.16 3.32 31.24
O MSE A 469 24.00 2.18 31.67
CB MSE A 469 22.60 3.24 29.29
CG MSE A 469 21.22 3.58 28.74
SE MSE A 469 19.67 3.30 29.92
CE MSE A 469 20.27 1.80 31.14
N GLY A 470 25.32 4.00 31.33
CA GLY A 470 26.55 3.48 31.94
C GLY A 470 27.10 2.27 31.22
N LEU A 471 27.03 2.27 29.88
CA LEU A 471 27.49 1.16 29.04
C LEU A 471 28.90 1.39 28.51
N ASP A 472 29.74 0.36 28.58
CA ASP A 472 31.11 0.38 28.06
C ASP A 472 31.06 0.07 26.57
N LEU A 473 31.40 1.05 25.72
CA LEU A 473 31.37 0.85 24.28
C LEU A 473 32.69 0.33 23.71
N GLN A 474 33.75 0.22 24.53
CA GLN A 474 35.08 -0.26 24.09
C GLN A 474 34.97 -1.71 23.57
N GLY A 475 35.41 -1.90 22.32
CA GLY A 475 35.39 -3.21 21.67
C GLY A 475 34.13 -3.50 20.87
N CYS A 476 33.16 -2.55 20.82
CA CYS A 476 31.92 -2.71 20.07
C CYS A 476 32.18 -2.59 18.56
N VAL A 477 31.17 -3.00 17.77
CA VAL A 477 31.20 -2.91 16.31
C VAL A 477 30.13 -1.89 15.90
N LEU A 478 30.27 -1.33 14.69
CA LEU A 478 29.35 -0.33 14.17
C LEU A 478 28.89 -0.68 12.76
N ALA A 479 27.59 -0.53 12.51
CA ALA A 479 27.01 -0.71 11.19
C ALA A 479 26.22 0.50 10.77
N SER A 480 26.27 0.81 9.46
CA SER A 480 25.39 1.80 8.83
C SER A 480 24.85 1.21 7.54
N GLU A 481 23.59 1.54 7.22
CA GLU A 481 22.89 1.03 6.03
C GLU A 481 23.21 1.88 4.75
N ALA A 482 23.99 2.97 4.92
CA ALA A 482 24.42 3.87 3.84
C ALA A 482 25.91 4.23 4.02
N PHE A 483 26.63 4.51 2.93
CA PHE A 483 28.06 4.80 2.98
C PHE A 483 28.42 6.02 3.81
N PHE A 484 29.61 5.99 4.45
CA PHE A 484 30.13 7.11 5.23
C PHE A 484 30.83 8.07 4.26
N PRO A 485 30.37 9.34 4.15
CA PRO A 485 30.98 10.23 3.14
C PRO A 485 32.38 10.75 3.50
N PHE A 486 32.70 10.97 4.79
CA PHE A 486 34.01 11.51 5.18
C PHE A 486 34.65 10.72 6.34
N ARG A 487 35.98 10.90 6.54
CA ARG A 487 36.75 10.20 7.56
C ARG A 487 36.36 10.62 8.98
N ASP A 488 35.62 11.75 9.14
CA ASP A 488 35.16 12.22 10.45
C ASP A 488 34.24 11.17 11.10
N SER A 489 33.52 10.39 10.28
CA SER A 489 32.67 9.29 10.76
C SER A 489 33.53 8.23 11.50
N ILE A 490 34.75 7.93 10.98
CA ILE A 490 35.69 6.97 11.56
C ILE A 490 36.38 7.58 12.80
N ASP A 491 36.77 8.87 12.73
CA ASP A 491 37.43 9.61 13.84
C ASP A 491 36.49 9.68 15.07
N GLU A 492 35.18 9.89 14.85
CA GLU A 492 34.16 9.92 15.91
C GLU A 492 34.00 8.53 16.52
N ALA A 493 34.06 7.48 15.69
CA ALA A 493 33.98 6.08 16.12
C ALA A 493 35.18 5.66 16.98
N SER A 494 36.36 6.27 16.74
CA SER A 494 37.60 5.98 17.48
C SER A 494 37.52 6.45 18.95
N LYS A 495 36.75 7.51 19.23
CA LYS A 495 36.54 8.06 20.57
C LYS A 495 35.98 7.04 21.56
N VAL A 496 35.03 6.19 21.12
CA VAL A 496 34.36 5.16 21.95
C VAL A 496 35.01 3.77 21.84
N GLY A 497 36.11 3.67 21.09
CA GLY A 497 36.82 2.41 20.91
C GLY A 497 36.11 1.37 20.07
N VAL A 498 35.47 1.79 18.94
CA VAL A 498 34.87 0.87 17.96
C VAL A 498 36.04 0.04 17.34
N LYS A 499 35.89 -1.28 17.21
CA LYS A 499 36.96 -2.15 16.69
C LYS A 499 36.69 -2.65 15.26
N ALA A 500 35.41 -2.71 14.84
CA ALA A 500 35.04 -3.22 13.52
C ALA A 500 33.85 -2.43 12.97
N ILE A 501 33.88 -2.17 11.66
CA ILE A 501 32.84 -1.41 10.97
C ILE A 501 32.39 -2.14 9.72
N VAL A 502 31.07 -2.12 9.49
CA VAL A 502 30.45 -2.65 8.27
C VAL A 502 29.57 -1.53 7.68
N GLU A 503 29.78 -1.22 6.42
CA GLU A 503 29.00 -0.21 5.71
C GLU A 503 28.93 -0.61 4.24
N PRO A 504 28.05 -0.02 3.40
CA PRO A 504 27.98 -0.45 1.99
C PRO A 504 29.18 0.00 1.14
N GLY A 505 29.82 1.11 1.52
CA GLY A 505 30.89 1.73 0.74
C GLY A 505 30.28 2.47 -0.44
N GLY A 506 31.11 3.19 -1.20
CA GLY A 506 30.62 3.91 -2.37
C GLY A 506 30.78 5.42 -2.39
N SER A 507 31.51 5.99 -1.41
CA SER A 507 31.80 7.43 -1.32
C SER A 507 32.95 7.81 -2.24
N ILE A 508 33.05 9.10 -2.63
CA ILE A 508 34.15 9.58 -3.46
C ILE A 508 35.40 9.64 -2.57
N ARG A 509 35.20 9.81 -1.25
CA ARG A 509 36.26 9.91 -0.24
C ARG A 509 36.44 8.56 0.51
N ASP A 510 36.15 7.41 -0.15
CA ASP A 510 36.29 6.08 0.45
C ASP A 510 37.74 5.80 0.85
N ASP A 511 38.69 6.31 0.05
CA ASP A 511 40.12 6.15 0.32
C ASP A 511 40.54 6.76 1.67
N GLU A 512 40.00 7.95 2.04
CA GLU A 512 40.35 8.58 3.31
C GLU A 512 39.61 7.87 4.49
N VAL A 513 38.47 7.22 4.22
CA VAL A 513 37.71 6.45 5.23
C VAL A 513 38.53 5.17 5.59
N VAL A 514 39.07 4.48 4.57
CA VAL A 514 39.90 3.27 4.69
C VAL A 514 41.21 3.61 5.46
N LYS A 515 41.85 4.75 5.10
CA LYS A 515 43.08 5.22 5.74
C LYS A 515 42.84 5.49 7.23
N ALA A 516 41.72 6.16 7.56
CA ALA A 516 41.37 6.47 8.97
C ALA A 516 41.16 5.17 9.78
N ALA A 517 40.45 4.16 9.20
CA ALA A 517 40.25 2.86 9.85
C ALA A 517 41.60 2.15 10.11
N ASP A 518 42.55 2.29 9.18
CA ASP A 518 43.89 1.70 9.26
C ASP A 518 44.76 2.37 10.33
N GLU A 519 44.59 3.69 10.53
CA GLU A 519 45.28 4.46 11.57
C GLU A 519 44.91 3.95 12.96
N TYR A 520 43.63 3.63 13.18
CA TYR A 520 43.12 3.16 14.48
C TYR A 520 43.20 1.64 14.64
N GLY A 521 43.57 0.94 13.57
CA GLY A 521 43.67 -0.52 13.58
C GLY A 521 42.30 -1.18 13.69
N MSE A 522 41.31 -0.65 12.96
CA MSE A 522 39.94 -1.19 12.95
C MSE A 522 39.72 -2.14 11.79
O MSE A 522 40.34 -1.97 10.75
CB MSE A 522 38.90 -0.06 12.81
CG MSE A 522 38.84 0.88 13.98
SE MSE A 522 37.75 2.43 13.47
CE MSE A 522 37.84 3.33 15.18
N ALA A 523 38.75 -3.05 11.94
CA ALA A 523 38.33 -3.90 10.83
C ALA A 523 37.27 -3.13 10.03
N LEU A 524 37.35 -3.13 8.67
CA LEU A 524 36.38 -2.38 7.85
C LEU A 524 35.93 -3.20 6.65
N TYR A 525 34.62 -3.39 6.53
CA TYR A 525 33.99 -4.18 5.46
C TYR A 525 33.03 -3.32 4.61
N PHE A 526 33.16 -3.40 3.27
CA PHE A 526 32.26 -2.73 2.32
C PHE A 526 31.41 -3.82 1.68
N THR A 527 30.08 -3.82 1.95
CA THR A 527 29.17 -4.85 1.44
C THR A 527 28.71 -4.61 -0.02
N GLY A 528 28.66 -3.34 -0.44
CA GLY A 528 28.16 -2.97 -1.76
C GLY A 528 26.64 -3.02 -1.83
N VAL A 529 25.96 -3.23 -0.68
CA VAL A 529 24.48 -3.31 -0.60
C VAL A 529 23.98 -2.21 0.37
N ARG A 530 23.19 -1.29 -0.18
CA ARG A 530 22.56 -0.20 0.54
C ARG A 530 21.18 -0.61 1.05
N HIS A 531 20.85 -0.21 2.27
CA HIS A 531 19.62 -0.61 2.91
C HIS A 531 18.79 0.55 3.46
N PHE A 532 18.71 1.63 2.71
CA PHE A 532 17.92 2.77 3.09
C PHE A 532 16.43 2.42 3.19
N LEU A 533 15.78 2.96 4.20
CA LEU A 533 14.38 2.67 4.52
C LEU A 533 13.72 3.90 5.10
N HIS A 534 12.75 4.49 4.38
CA HIS A 534 12.03 5.67 4.88
C HIS A 534 10.92 5.21 5.84
N VAL B 11 -31.54 -6.88 -34.11
CA VAL B 11 -32.86 -7.50 -33.93
C VAL B 11 -32.88 -8.97 -34.40
N ASP B 12 -32.35 -9.25 -35.61
CA ASP B 12 -32.30 -10.60 -36.19
C ASP B 12 -31.20 -11.44 -35.51
N LEU B 13 -29.92 -11.01 -35.61
CA LEU B 13 -28.80 -11.72 -34.98
C LEU B 13 -28.72 -11.48 -33.48
N GLY B 14 -28.32 -12.53 -32.77
CA GLY B 14 -28.10 -12.51 -31.33
C GLY B 14 -26.75 -13.11 -31.01
N THR B 15 -26.31 -12.94 -29.75
CA THR B 15 -25.02 -13.49 -29.30
C THR B 15 -25.02 -15.03 -29.40
N GLU B 16 -26.20 -15.67 -29.34
CA GLU B 16 -26.39 -17.12 -29.49
C GLU B 16 -25.98 -17.62 -30.91
N ASN B 17 -25.94 -16.71 -31.90
CA ASN B 17 -25.57 -17.01 -33.29
C ASN B 17 -24.06 -16.80 -33.54
N LEU B 18 -23.30 -16.32 -32.51
CA LEU B 18 -21.88 -16.01 -32.65
C LEU B 18 -21.00 -17.06 -32.01
N TYR B 19 -19.89 -17.40 -32.64
CA TYR B 19 -18.95 -18.40 -32.12
C TYR B 19 -17.52 -17.90 -32.31
N PHE B 20 -16.62 -18.19 -31.35
CA PHE B 20 -15.24 -17.79 -31.53
C PHE B 20 -14.65 -18.70 -32.59
N GLN B 21 -13.94 -18.12 -33.57
CA GLN B 21 -13.41 -18.89 -34.70
C GLN B 21 -12.24 -18.16 -35.31
N SER B 22 -11.10 -18.84 -35.34
CA SER B 22 -9.88 -18.33 -35.96
C SER B 22 -10.13 -18.18 -37.47
N ASN B 23 -9.66 -17.05 -38.06
CA ASN B 23 -9.76 -16.73 -39.49
C ASN B 23 -11.23 -16.50 -39.97
N ALA B 24 -12.11 -16.10 -39.05
CA ALA B 24 -13.49 -15.76 -39.39
C ALA B 24 -13.57 -14.44 -40.16
N MSE B 25 -12.57 -13.54 -39.94
N MSE B 25 -12.56 -13.54 -39.97
CA MSE B 25 -12.46 -12.19 -40.52
CA MSE B 25 -12.49 -12.20 -40.59
C MSE B 25 -13.76 -11.41 -40.23
C MSE B 25 -13.78 -11.40 -40.24
O MSE B 25 -14.32 -10.74 -41.10
O MSE B 25 -14.36 -10.72 -41.09
CB MSE B 25 -12.11 -12.23 -42.02
CB MSE B 25 -12.27 -12.29 -42.13
CG MSE B 25 -10.75 -12.88 -42.33
CG MSE B 25 -10.86 -12.68 -42.55
SE MSE B 25 -9.23 -12.18 -41.30
SE MSE B 25 -10.65 -12.72 -44.50
CE MSE B 25 -9.06 -10.42 -42.13
CE MSE B 25 -10.36 -10.87 -44.87
N ARG B 26 -14.23 -11.51 -38.98
CA ARG B 26 -15.45 -10.86 -38.51
C ARG B 26 -15.21 -10.32 -37.11
N ALA B 27 -15.43 -9.01 -36.94
CA ALA B 27 -15.19 -8.30 -35.69
C ALA B 27 -16.48 -7.87 -35.00
N LEU B 28 -16.55 -8.05 -33.67
CA LEU B 28 -17.67 -7.61 -32.84
C LEU B 28 -17.20 -6.37 -32.05
N LEU B 29 -17.82 -5.21 -32.30
CA LEU B 29 -17.47 -3.93 -31.70
C LEU B 29 -18.63 -3.42 -30.84
N SER B 30 -18.45 -3.40 -29.53
CA SER B 30 -19.50 -2.95 -28.59
C SER B 30 -18.80 -2.29 -27.39
N VAL B 31 -18.64 -0.96 -27.41
CA VAL B 31 -17.85 -0.23 -26.39
C VAL B 31 -18.59 0.92 -25.66
N SER B 32 -18.22 1.15 -24.37
CA SER B 32 -18.71 2.26 -23.53
C SER B 32 -17.88 3.48 -23.84
N ASP B 33 -16.54 3.29 -23.88
CA ASP B 33 -15.61 4.33 -24.27
C ASP B 33 -15.48 4.21 -25.80
N LYS B 34 -16.14 5.11 -26.53
CA LYS B 34 -16.24 5.12 -27.98
C LYS B 34 -15.10 5.87 -28.69
N GLU B 35 -14.08 6.32 -27.94
CA GLU B 35 -12.92 7.06 -28.48
C GLU B 35 -12.18 6.21 -29.53
N GLY B 36 -12.00 6.80 -30.72
CA GLY B 36 -11.32 6.19 -31.85
C GLY B 36 -11.97 4.98 -32.49
N ILE B 37 -13.25 4.68 -32.16
CA ILE B 37 -13.92 3.48 -32.67
C ILE B 37 -14.28 3.60 -34.16
N VAL B 38 -14.53 4.83 -34.66
CA VAL B 38 -14.90 5.08 -36.06
C VAL B 38 -13.71 4.77 -36.96
N GLU B 39 -12.54 5.38 -36.69
CA GLU B 39 -11.32 5.17 -37.46
C GLU B 39 -10.85 3.69 -37.35
N PHE B 40 -11.02 3.07 -36.17
CA PHE B 40 -10.64 1.66 -35.99
C PHE B 40 -11.56 0.75 -36.86
N GLY B 41 -12.86 1.02 -36.86
CA GLY B 41 -13.83 0.31 -37.69
C GLY B 41 -13.53 0.46 -39.17
N LYS B 42 -13.13 1.67 -39.60
CA LYS B 42 -12.75 1.95 -40.99
C LYS B 42 -11.49 1.17 -41.39
N GLU B 43 -10.50 1.12 -40.47
CA GLU B 43 -9.25 0.38 -40.68
C GLU B 43 -9.48 -1.13 -40.71
N LEU B 44 -10.42 -1.67 -39.91
CA LEU B 44 -10.73 -3.10 -39.91
C LEU B 44 -11.43 -3.48 -41.21
N GLU B 45 -12.33 -2.61 -41.69
CA GLU B 45 -13.09 -2.76 -42.93
C GLU B 45 -12.12 -2.79 -44.12
N ASN B 46 -11.08 -1.92 -44.11
CA ASN B 46 -10.07 -1.86 -45.16
C ASN B 46 -9.20 -3.12 -45.17
N LEU B 47 -9.03 -3.76 -44.00
CA LEU B 47 -8.26 -4.99 -43.85
C LEU B 47 -9.09 -6.25 -44.24
N GLY B 48 -10.34 -6.05 -44.65
CA GLY B 48 -11.24 -7.14 -45.06
C GLY B 48 -12.13 -7.73 -44.00
N PHE B 49 -12.21 -7.11 -42.81
CA PHE B 49 -13.08 -7.64 -41.75
C PHE B 49 -14.53 -7.23 -41.97
N GLU B 50 -15.46 -8.15 -41.69
CA GLU B 50 -16.88 -7.83 -41.61
C GLU B 50 -17.11 -7.30 -40.20
N ILE B 51 -18.03 -6.34 -40.01
CA ILE B 51 -18.21 -5.72 -38.69
C ILE B 51 -19.60 -5.99 -38.13
N LEU B 52 -19.63 -6.46 -36.88
CA LEU B 52 -20.85 -6.67 -36.10
C LEU B 52 -20.82 -5.67 -34.95
N SER B 53 -21.98 -5.06 -34.61
CA SER B 53 -22.01 -4.05 -33.55
C SER B 53 -23.37 -3.99 -32.87
N THR B 54 -23.43 -3.37 -31.67
CA THR B 54 -24.66 -3.24 -30.87
C THR B 54 -24.92 -1.79 -30.45
N GLY B 55 -26.17 -1.49 -30.11
CA GLY B 55 -26.64 -0.21 -29.57
C GLY B 55 -26.07 1.05 -30.18
N GLY B 56 -25.51 1.89 -29.31
CA GLY B 56 -24.91 3.17 -29.62
C GLY B 56 -23.67 3.10 -30.50
N THR B 57 -22.89 2.01 -30.36
CA THR B 57 -21.69 1.76 -31.18
C THR B 57 -22.12 1.51 -32.63
N PHE B 58 -23.18 0.68 -32.84
CA PHE B 58 -23.71 0.37 -34.18
C PHE B 58 -24.16 1.62 -34.88
N LYS B 59 -24.94 2.46 -34.20
CA LYS B 59 -25.47 3.70 -34.79
C LYS B 59 -24.35 4.65 -35.19
N LEU B 60 -23.31 4.76 -34.35
CA LEU B 60 -22.14 5.61 -34.60
C LEU B 60 -21.35 5.13 -35.83
N LEU B 61 -21.16 3.80 -35.97
CA LEU B 61 -20.43 3.21 -37.09
C LEU B 61 -21.20 3.38 -38.39
N LYS B 62 -22.51 3.00 -38.42
CA LYS B 62 -23.39 3.09 -39.60
C LYS B 62 -23.48 4.52 -40.11
N GLU B 63 -23.58 5.47 -39.18
CA GLU B 63 -23.64 6.93 -39.38
C GLU B 63 -22.42 7.45 -40.12
N ASN B 64 -21.25 6.81 -39.89
CA ASN B 64 -19.98 7.20 -40.49
C ASN B 64 -19.61 6.37 -41.75
N GLY B 65 -20.64 5.83 -42.40
CA GLY B 65 -20.54 5.08 -43.65
C GLY B 65 -19.82 3.74 -43.59
N ILE B 66 -19.69 3.15 -42.39
CA ILE B 66 -19.03 1.87 -42.24
C ILE B 66 -20.06 0.76 -42.48
N LYS B 67 -19.68 -0.27 -43.27
CA LYS B 67 -20.56 -1.41 -43.53
C LYS B 67 -20.57 -2.25 -42.24
N VAL B 68 -21.71 -2.23 -41.55
CA VAL B 68 -21.88 -2.88 -40.25
C VAL B 68 -23.27 -3.55 -40.17
N ILE B 69 -23.35 -4.69 -39.48
CA ILE B 69 -24.58 -5.43 -39.25
C ILE B 69 -24.85 -5.42 -37.73
N GLU B 70 -26.11 -5.18 -37.33
CA GLU B 70 -26.50 -5.09 -35.93
C GLU B 70 -26.76 -6.47 -35.29
N VAL B 71 -26.43 -6.56 -33.99
CA VAL B 71 -26.64 -7.73 -33.14
C VAL B 71 -27.43 -7.19 -31.95
N SER B 72 -28.43 -7.94 -31.44
CA SER B 72 -29.21 -7.54 -30.26
C SER B 72 -28.24 -7.12 -29.14
N ASP B 73 -28.55 -6.04 -28.41
CA ASP B 73 -27.66 -5.52 -27.37
C ASP B 73 -27.58 -6.47 -26.16
N PHE B 74 -26.43 -7.14 -26.02
CA PHE B 74 -26.15 -8.10 -24.95
C PHE B 74 -25.74 -7.39 -23.64
N THR B 75 -25.12 -6.19 -23.74
CA THR B 75 -24.65 -5.43 -22.58
C THR B 75 -25.81 -4.78 -21.82
N LYS B 76 -26.78 -4.19 -22.54
CA LYS B 76 -27.94 -3.50 -21.95
C LYS B 76 -28.97 -4.48 -21.38
N SER B 77 -29.82 -3.96 -20.46
CA SER B 77 -30.87 -4.72 -19.79
C SER B 77 -32.14 -3.89 -19.67
N VAL B 85 -38.62 -9.87 -18.24
CA VAL B 85 -38.01 -11.16 -17.89
C VAL B 85 -36.46 -11.03 -17.81
N LYS B 86 -35.91 -11.20 -16.60
CA LYS B 86 -34.46 -11.13 -16.35
C LYS B 86 -33.88 -12.54 -16.30
N THR B 87 -33.21 -12.93 -17.39
CA THR B 87 -32.59 -14.25 -17.58
C THR B 87 -31.36 -14.45 -16.69
N LEU B 88 -31.05 -15.71 -16.38
CA LEU B 88 -29.94 -16.07 -15.53
C LEU B 88 -28.61 -15.59 -16.11
N HIS B 89 -28.31 -15.89 -17.38
CA HIS B 89 -27.03 -15.48 -17.94
C HIS B 89 -27.12 -15.11 -19.42
N PRO B 90 -26.17 -14.29 -19.97
CA PRO B 90 -26.20 -13.99 -21.40
C PRO B 90 -25.83 -15.24 -22.22
N LYS B 91 -26.40 -15.38 -23.42
CA LYS B 91 -26.21 -16.53 -24.31
C LYS B 91 -24.88 -16.40 -25.07
N ILE B 92 -23.77 -16.60 -24.36
CA ILE B 92 -22.43 -16.50 -24.92
C ILE B 92 -21.76 -17.87 -24.91
N HIS B 93 -21.39 -18.36 -26.11
CA HIS B 93 -20.72 -19.65 -26.27
C HIS B 93 -19.26 -19.52 -25.81
N GLY B 94 -18.82 -20.45 -24.96
CA GLY B 94 -17.47 -20.46 -24.41
C GLY B 94 -16.41 -21.19 -25.21
N GLY B 95 -16.84 -22.03 -26.14
CA GLY B 95 -15.92 -22.81 -26.96
C GLY B 95 -15.52 -22.16 -28.28
N ILE B 96 -14.88 -22.95 -29.14
CA ILE B 96 -14.45 -22.47 -30.44
C ILE B 96 -15.06 -23.30 -31.56
N LEU B 97 -15.36 -22.62 -32.66
CA LEU B 97 -15.75 -23.20 -33.93
C LEU B 97 -14.47 -23.66 -34.60
N HIS B 98 -14.56 -24.66 -35.48
CA HIS B 98 -13.37 -25.17 -36.17
C HIS B 98 -12.76 -24.11 -37.09
N LYS B 99 -11.44 -23.90 -37.00
CA LYS B 99 -10.71 -22.95 -37.85
C LYS B 99 -10.77 -23.46 -39.29
N ARG B 100 -11.20 -22.60 -40.24
CA ARG B 100 -11.25 -23.01 -41.65
C ARG B 100 -10.23 -22.25 -42.48
N SER B 101 -9.78 -22.87 -43.59
CA SER B 101 -8.85 -22.26 -44.52
C SER B 101 -9.56 -21.22 -45.37
N ASP B 102 -8.80 -20.40 -46.11
CA ASP B 102 -9.39 -19.41 -47.02
C ASP B 102 -10.08 -20.09 -48.20
N GLU B 103 -9.49 -21.17 -48.77
CA GLU B 103 -10.11 -21.85 -49.92
C GLU B 103 -11.41 -22.56 -49.51
N ASN B 104 -11.54 -22.98 -48.23
CA ASN B 104 -12.75 -23.59 -47.68
C ASN B 104 -13.85 -22.53 -47.57
N HIS B 105 -13.48 -21.27 -47.25
CA HIS B 105 -14.43 -20.15 -47.15
C HIS B 105 -14.99 -19.79 -48.55
N ILE B 106 -14.11 -19.80 -49.60
CA ILE B 106 -14.49 -19.52 -51.00
C ILE B 106 -15.50 -20.58 -51.45
N LYS B 107 -15.17 -21.86 -51.27
CA LYS B 107 -16.01 -23.01 -51.62
C LYS B 107 -17.21 -23.14 -50.65
N GLN B 108 -17.18 -22.41 -49.50
CA GLN B 108 -18.17 -22.34 -48.43
C GLN B 108 -18.44 -23.70 -47.78
N GLU B 111 -25.58 -21.25 -42.76
CA GLU B 111 -24.33 -20.50 -42.76
C GLU B 111 -24.49 -19.11 -42.12
N ASN B 112 -25.71 -18.52 -42.20
CA ASN B 112 -26.04 -17.19 -41.66
C ASN B 112 -26.61 -17.28 -40.22
N GLU B 113 -26.84 -18.52 -39.73
CA GLU B 113 -27.34 -18.81 -38.38
C GLU B 113 -26.16 -19.05 -37.41
N ILE B 114 -25.01 -19.45 -37.96
CA ILE B 114 -23.78 -19.72 -37.21
C ILE B 114 -22.69 -18.82 -37.81
N LEU B 115 -22.33 -17.74 -37.09
CA LEU B 115 -21.30 -16.81 -37.52
C LEU B 115 -20.11 -16.83 -36.58
N GLY B 116 -18.97 -17.15 -37.13
CA GLY B 116 -17.72 -17.09 -36.38
C GLY B 116 -17.24 -15.66 -36.18
N ILE B 117 -16.47 -15.41 -35.09
CA ILE B 117 -15.90 -14.08 -34.79
C ILE B 117 -14.45 -14.29 -34.35
N ASP B 118 -13.50 -13.45 -34.84
CA ASP B 118 -12.08 -13.56 -34.48
C ASP B 118 -11.50 -12.28 -33.82
N LEU B 119 -12.30 -11.21 -33.67
CA LEU B 119 -11.87 -9.97 -33.02
C LEU B 119 -13.03 -9.47 -32.16
N VAL B 120 -12.81 -9.34 -30.82
CA VAL B 120 -13.83 -8.91 -29.87
C VAL B 120 -13.33 -7.60 -29.27
N CYS B 121 -13.94 -6.48 -29.66
CA CYS B 121 -13.56 -5.16 -29.18
C CYS B 121 -14.68 -4.67 -28.27
N VAL B 122 -14.53 -4.94 -26.95
CA VAL B 122 -15.53 -4.61 -25.93
C VAL B 122 -14.84 -3.95 -24.72
N ASN B 123 -15.44 -2.87 -24.18
CA ASN B 123 -14.92 -2.18 -22.99
C ASN B 123 -16.10 -1.69 -22.14
N LEU B 124 -15.91 -1.58 -20.81
CA LEU B 124 -16.99 -1.28 -19.85
C LEU B 124 -17.00 0.16 -19.33
N TYR B 125 -18.17 0.61 -18.83
CA TYR B 125 -18.40 1.97 -18.31
C TYR B 125 -17.92 2.09 -16.87
N ASP B 136 -28.42 7.32 -6.75
CA ASP B 136 -29.51 6.38 -6.52
C ASP B 136 -28.97 4.94 -6.46
N PHE B 137 -29.30 4.16 -5.40
CA PHE B 137 -28.83 2.77 -5.25
C PHE B 137 -29.36 1.88 -6.36
N ASP B 138 -30.68 1.96 -6.68
CA ASP B 138 -31.31 1.16 -7.74
C ASP B 138 -30.62 1.41 -9.09
N GLU B 139 -30.17 2.66 -9.34
CA GLU B 139 -29.51 3.08 -10.58
C GLU B 139 -28.12 2.45 -10.70
N ILE B 140 -27.29 2.47 -9.63
CA ILE B 140 -25.94 1.88 -9.68
C ILE B 140 -26.04 0.37 -9.92
N ILE B 141 -26.90 -0.33 -9.15
CA ILE B 141 -27.13 -1.77 -9.22
C ILE B 141 -27.64 -2.19 -10.60
N GLU B 142 -28.69 -1.49 -11.10
CA GLU B 142 -29.31 -1.74 -12.41
C GLU B 142 -28.31 -1.52 -13.57
N ASN B 143 -27.30 -0.67 -13.36
CA ASN B 143 -26.37 -0.38 -14.45
C ASN B 143 -25.10 -1.29 -14.44
N ILE B 144 -24.98 -2.26 -13.49
CA ILE B 144 -23.87 -3.22 -13.47
C ILE B 144 -23.95 -4.01 -14.79
N ASP B 145 -22.88 -3.97 -15.58
CA ASP B 145 -22.82 -4.67 -16.87
C ASP B 145 -22.57 -6.17 -16.64
N ILE B 146 -23.44 -7.03 -17.25
CA ILE B 146 -23.36 -8.49 -17.14
C ILE B 146 -22.80 -9.10 -18.45
N GLY B 147 -23.41 -8.77 -19.61
CA GLY B 147 -23.02 -9.28 -20.93
C GLY B 147 -21.63 -8.88 -21.40
N GLY B 148 -21.24 -7.63 -21.15
CA GLY B 148 -19.94 -7.10 -21.49
C GLY B 148 -18.81 -7.89 -20.86
N PRO B 149 -18.75 -8.03 -19.52
CA PRO B 149 -17.66 -8.83 -18.91
C PRO B 149 -17.65 -10.30 -19.35
N ALA B 150 -18.85 -10.92 -19.51
CA ALA B 150 -18.95 -12.32 -19.95
C ALA B 150 -18.33 -12.51 -21.34
N MSE B 151 -18.59 -11.56 -22.25
CA MSE B 151 -18.05 -11.53 -23.62
C MSE B 151 -16.52 -11.37 -23.59
O MSE B 151 -15.81 -12.10 -24.30
CB MSE B 151 -18.68 -10.40 -24.45
CG MSE B 151 -18.26 -10.44 -25.91
SE MSE B 151 -18.45 -12.17 -26.85
CE MSE B 151 -20.38 -12.05 -27.27
N ILE B 152 -16.01 -10.41 -22.78
CA ILE B 152 -14.58 -10.11 -22.67
C ILE B 152 -13.83 -11.33 -22.14
N ARG B 153 -14.31 -11.92 -21.02
CA ARG B 153 -13.69 -13.06 -20.34
C ARG B 153 -13.70 -14.33 -21.17
N SER B 154 -14.78 -14.54 -21.96
CA SER B 154 -14.90 -15.72 -22.81
C SER B 154 -13.95 -15.65 -23.99
N ALA B 155 -13.86 -14.47 -24.65
CA ALA B 155 -12.93 -14.22 -25.77
C ALA B 155 -11.48 -14.34 -25.29
N ALA B 156 -11.17 -13.76 -24.11
CA ALA B 156 -9.82 -13.77 -23.52
C ALA B 156 -9.32 -15.21 -23.29
N LYS B 157 -10.19 -16.10 -22.75
CA LYS B 157 -9.86 -17.49 -22.49
C LYS B 157 -9.51 -18.19 -23.82
N ASN B 158 -10.11 -17.72 -24.92
CA ASN B 158 -9.90 -18.26 -26.27
C ASN B 158 -8.86 -17.46 -27.06
N TYR B 159 -7.87 -16.86 -26.37
CA TYR B 159 -6.82 -16.02 -26.96
C TYR B 159 -6.03 -16.75 -28.08
N LYS B 160 -5.90 -18.09 -28.03
CA LYS B 160 -5.17 -18.80 -29.09
C LYS B 160 -5.87 -18.60 -30.44
N ASP B 161 -7.20 -18.36 -30.42
CA ASP B 161 -8.00 -18.16 -31.62
C ASP B 161 -8.58 -16.75 -31.85
N VAL B 162 -8.78 -15.94 -30.79
N VAL B 162 -8.93 -16.01 -30.77
CA VAL B 162 -9.38 -14.63 -31.02
CA VAL B 162 -9.59 -14.70 -30.92
C VAL B 162 -8.59 -13.49 -30.35
C VAL B 162 -8.82 -13.61 -30.19
N MSE B 163 -8.69 -12.29 -30.92
N MSE B 163 -8.72 -12.45 -30.84
CA MSE B 163 -8.12 -11.06 -30.39
CA MSE B 163 -8.14 -11.22 -30.33
C MSE B 163 -9.16 -10.38 -29.49
C MSE B 163 -9.18 -10.49 -29.45
O MSE B 163 -10.31 -10.19 -29.91
O MSE B 163 -10.33 -10.36 -29.86
CB MSE B 163 -7.70 -10.11 -31.52
CB MSE B 163 -7.67 -10.34 -31.49
CG MSE B 163 -6.38 -10.44 -32.17
CG MSE B 163 -6.76 -9.23 -31.05
SE MSE B 163 -6.21 -9.42 -33.83
SE MSE B 163 -6.34 -7.91 -32.42
CE MSE B 163 -7.44 -10.53 -34.96
CE MSE B 163 -5.52 -9.03 -33.75
N VAL B 164 -8.78 -10.01 -28.26
CA VAL B 164 -9.69 -9.33 -27.33
C VAL B 164 -9.12 -7.91 -27.07
N LEU B 165 -9.91 -6.86 -27.34
CA LEU B 165 -9.53 -5.45 -27.20
C LEU B 165 -10.41 -4.72 -26.22
N CYS B 166 -9.81 -4.17 -25.15
N CYS B 166 -9.84 -4.15 -25.16
CA CYS B 166 -10.50 -3.49 -24.06
CA CYS B 166 -10.62 -3.43 -24.16
C CYS B 166 -10.00 -2.06 -23.87
C CYS B 166 -10.05 -2.02 -23.91
N ASP B 167 -8.98 -1.65 -24.63
CA ASP B 167 -8.38 -0.33 -24.48
C ASP B 167 -8.26 0.43 -25.82
N PRO B 168 -8.98 1.56 -25.98
CA PRO B 168 -8.85 2.36 -27.21
C PRO B 168 -7.42 2.81 -27.51
N LEU B 169 -6.54 2.91 -26.49
CA LEU B 169 -5.14 3.29 -26.66
C LEU B 169 -4.35 2.24 -27.46
N ASP B 170 -4.89 1.00 -27.60
CA ASP B 170 -4.26 -0.08 -28.33
C ASP B 170 -4.71 -0.22 -29.78
N TYR B 171 -5.76 0.53 -30.23
CA TYR B 171 -6.33 0.42 -31.58
C TYR B 171 -5.30 0.60 -32.71
N GLU B 172 -4.48 1.68 -32.67
CA GLU B 172 -3.48 1.97 -33.71
C GLU B 172 -2.41 0.88 -33.78
N LYS B 173 -1.95 0.38 -32.61
CA LYS B 173 -0.97 -0.69 -32.49
C LYS B 173 -1.52 -1.99 -33.09
N VAL B 174 -2.80 -2.30 -32.82
CA VAL B 174 -3.49 -3.50 -33.30
C VAL B 174 -3.58 -3.47 -34.85
N ILE B 175 -3.97 -2.32 -35.44
CA ILE B 175 -4.07 -2.12 -36.91
C ILE B 175 -2.68 -2.33 -37.58
N GLU B 176 -1.61 -1.76 -36.98
CA GLU B 176 -0.26 -1.91 -37.53
C GLU B 176 0.25 -3.35 -37.41
N THR B 177 -0.08 -4.03 -36.29
CA THR B 177 0.28 -5.43 -36.06
C THR B 177 -0.38 -6.29 -37.14
N LEU B 178 -1.67 -6.03 -37.45
CA LEU B 178 -2.43 -6.76 -38.48
C LEU B 178 -1.88 -6.51 -39.88
N LYS B 179 -1.59 -5.24 -40.23
CA LYS B 179 -1.01 -4.85 -41.53
C LYS B 179 0.36 -5.50 -41.74
N LYS B 180 1.17 -5.61 -40.67
CA LYS B 180 2.52 -6.18 -40.75
C LYS B 180 2.55 -7.72 -40.63
N GLY B 181 1.37 -8.35 -40.45
CA GLY B 181 1.27 -9.79 -40.27
C GLY B 181 2.00 -10.25 -39.01
N GLN B 182 1.79 -9.50 -37.93
CA GLN B 182 2.43 -9.75 -36.66
C GLN B 182 1.48 -10.27 -35.57
N ASN B 183 0.27 -10.66 -35.96
CA ASN B 183 -0.68 -11.13 -34.98
C ASN B 183 -0.42 -12.60 -34.71
N ASP B 184 0.23 -12.85 -33.59
CA ASP B 184 0.66 -14.17 -33.22
C ASP B 184 0.21 -14.48 -31.80
N GLU B 185 0.38 -15.73 -31.39
CA GLU B 185 -0.12 -16.20 -30.10
C GLU B 185 0.35 -15.31 -28.92
N ASN B 186 1.63 -14.86 -28.89
CA ASN B 186 2.14 -14.00 -27.81
C ASN B 186 1.42 -12.64 -27.78
N PHE B 187 1.14 -12.08 -28.98
CA PHE B 187 0.43 -10.81 -29.11
C PHE B 187 -0.97 -10.95 -28.50
N ARG B 188 -1.65 -12.08 -28.76
CA ARG B 188 -3.00 -12.31 -28.25
C ARG B 188 -2.99 -12.65 -26.75
N LEU B 189 -1.89 -13.24 -26.25
CA LEU B 189 -1.72 -13.56 -24.83
C LEU B 189 -1.62 -12.26 -24.01
N ASN B 190 -0.89 -11.26 -24.53
CA ASN B 190 -0.73 -9.99 -23.82
C ASN B 190 -2.05 -9.22 -23.83
N LEU B 191 -2.90 -9.42 -24.84
CA LEU B 191 -4.24 -8.82 -24.89
C LEU B 191 -5.17 -9.50 -23.86
N MSE B 192 -5.02 -10.82 -23.68
CA MSE B 192 -5.78 -11.60 -22.71
C MSE B 192 -5.49 -11.08 -21.27
O MSE B 192 -6.43 -10.91 -20.48
CB MSE B 192 -5.44 -13.10 -22.86
CG MSE B 192 -5.98 -14.02 -21.74
SE MSE B 192 -4.80 -14.24 -20.18
CE MSE B 192 -3.28 -15.21 -21.01
N ILE B 193 -4.20 -10.78 -20.95
CA ILE B 193 -3.81 -10.25 -19.65
C ILE B 193 -4.54 -8.91 -19.41
N LYS B 194 -4.55 -8.01 -20.42
CA LYS B 194 -5.24 -6.72 -20.33
C LYS B 194 -6.76 -6.90 -20.11
N ALA B 195 -7.35 -7.93 -20.73
CA ALA B 195 -8.77 -8.22 -20.59
C ALA B 195 -9.16 -8.58 -19.16
N TYR B 196 -8.36 -9.46 -18.50
CA TYR B 196 -8.64 -9.89 -17.13
C TYR B 196 -8.29 -8.78 -16.13
N GLU B 197 -7.36 -7.88 -16.47
CA GLU B 197 -7.07 -6.70 -15.63
C GLU B 197 -8.29 -5.76 -15.64
N HIS B 198 -8.93 -5.64 -16.82
CA HIS B 198 -10.09 -4.79 -17.06
C HIS B 198 -11.35 -5.29 -16.31
N THR B 199 -11.63 -6.60 -16.38
CA THR B 199 -12.79 -7.16 -15.68
C THR B 199 -12.52 -7.25 -14.16
N ALA B 200 -11.25 -7.50 -13.74
CA ALA B 200 -10.85 -7.50 -12.31
C ALA B 200 -11.03 -6.10 -11.72
N ASN B 201 -10.62 -5.06 -12.46
CA ASN B 201 -10.76 -3.68 -12.04
C ASN B 201 -12.23 -3.27 -11.87
N TYR B 202 -13.10 -3.70 -12.80
CA TYR B 202 -14.52 -3.40 -12.77
C TYR B 202 -15.21 -3.98 -11.53
N ASP B 203 -15.03 -5.28 -11.25
CA ASP B 203 -15.62 -5.91 -10.09
C ASP B 203 -14.95 -5.42 -8.77
N ALA B 204 -13.65 -5.08 -8.78
CA ALA B 204 -12.97 -4.52 -7.60
C ALA B 204 -13.57 -3.15 -7.23
N TYR B 205 -13.86 -2.28 -8.25
CA TYR B 205 -14.51 -0.97 -8.04
C TYR B 205 -15.94 -1.15 -7.48
N ILE B 206 -16.72 -2.14 -7.98
CA ILE B 206 -18.08 -2.46 -7.53
C ILE B 206 -18.04 -2.92 -6.04
N ALA B 207 -17.14 -3.88 -5.69
CA ALA B 207 -17.00 -4.41 -4.32
C ALA B 207 -16.58 -3.32 -3.32
N ASN B 208 -15.63 -2.44 -3.72
CA ASN B 208 -15.17 -1.32 -2.89
C ASN B 208 -16.28 -0.30 -2.65
N TYR B 209 -17.12 -0.03 -3.67
CA TYR B 209 -18.26 0.89 -3.56
C TYR B 209 -19.29 0.35 -2.52
N MSE B 210 -19.65 -0.94 -2.63
N MSE B 210 -19.66 -0.95 -2.64
CA MSE B 210 -20.59 -1.63 -1.73
CA MSE B 210 -20.60 -1.63 -1.73
C MSE B 210 -20.12 -1.60 -0.29
C MSE B 210 -20.12 -1.56 -0.29
O MSE B 210 -20.93 -1.35 0.60
O MSE B 210 -20.92 -1.28 0.60
CB MSE B 210 -20.79 -3.09 -2.18
CB MSE B 210 -20.77 -3.09 -2.13
CG MSE B 210 -21.40 -3.23 -3.57
CG MSE B 210 -21.83 -3.28 -3.16
SE MSE B 210 -23.07 -2.26 -3.83
SE MSE B 210 -21.51 -4.76 -4.38
CE MSE B 210 -24.00 -2.97 -2.42
CE MSE B 210 -22.68 -4.03 -5.84
N ASN B 211 -18.82 -1.82 -0.07
CA ASN B 211 -18.23 -1.81 1.27
C ASN B 211 -18.09 -0.39 1.80
N GLU B 212 -17.98 0.62 0.92
CA GLU B 212 -17.95 2.03 1.33
C GLU B 212 -19.35 2.46 1.80
N ARG B 213 -20.39 2.02 1.08
CA ARG B 213 -21.77 2.36 1.39
C ARG B 213 -22.33 1.60 2.61
N PHE B 214 -22.04 0.28 2.71
CA PHE B 214 -22.64 -0.54 3.77
C PHE B 214 -21.71 -0.95 4.89
N ASN B 215 -20.38 -0.91 4.70
CA ASN B 215 -19.50 -1.36 5.78
C ASN B 215 -18.42 -0.34 6.13
N GLY B 216 -18.73 0.94 6.02
CA GLY B 216 -17.86 2.06 6.40
C GLY B 216 -16.50 2.12 5.73
N GLY B 217 -16.37 1.46 4.58
CA GLY B 217 -15.11 1.42 3.82
C GLY B 217 -14.12 0.39 4.31
N PHE B 218 -14.54 -0.52 5.21
CA PHE B 218 -13.71 -1.59 5.77
C PHE B 218 -14.39 -2.95 5.54
N GLY B 219 -14.49 -3.37 4.29
CA GLY B 219 -15.14 -4.65 3.97
C GLY B 219 -14.34 -5.89 4.28
N ALA B 220 -14.98 -7.07 4.05
CA ALA B 220 -14.35 -8.40 4.25
C ALA B 220 -13.17 -8.58 3.28
N SER B 221 -13.31 -8.11 2.04
CA SER B 221 -12.24 -8.13 1.02
C SER B 221 -11.96 -6.70 0.57
N LYS B 222 -10.71 -6.21 0.77
CA LYS B 222 -10.30 -4.86 0.36
C LYS B 222 -9.39 -4.93 -0.87
N PHE B 223 -9.74 -4.17 -1.92
CA PHE B 223 -9.01 -4.10 -3.19
C PHE B 223 -8.35 -2.72 -3.35
N ILE B 224 -7.00 -2.69 -3.27
CA ILE B 224 -6.20 -1.49 -3.51
C ILE B 224 -5.66 -1.67 -4.93
N VAL B 225 -6.29 -1.01 -5.89
CA VAL B 225 -5.98 -1.17 -7.31
C VAL B 225 -5.21 0.05 -7.86
N GLY B 226 -4.11 -0.22 -8.52
CA GLY B 226 -3.31 0.82 -9.17
C GLY B 226 -3.05 0.55 -10.63
N GLN B 227 -2.92 1.64 -11.40
CA GLN B 227 -2.61 1.60 -12.84
C GLN B 227 -1.21 2.17 -12.98
N LYS B 228 -0.30 1.44 -13.62
CA LYS B 228 1.08 1.90 -13.73
C LYS B 228 1.21 3.21 -14.49
N VAL B 229 2.00 4.15 -13.91
CA VAL B 229 2.31 5.46 -14.49
C VAL B 229 3.59 5.24 -15.27
N PHE B 230 4.64 4.74 -14.57
CA PHE B 230 5.95 4.38 -15.13
C PHE B 230 6.76 3.55 -14.14
N ASP B 231 7.79 2.87 -14.64
CA ASP B 231 8.80 2.19 -13.86
C ASP B 231 9.83 3.24 -13.45
N THR B 232 10.36 3.16 -12.21
CA THR B 232 11.44 4.05 -11.77
C THR B 232 12.75 3.31 -12.11
N LYS B 233 13.89 3.99 -12.10
CA LYS B 233 15.18 3.34 -12.43
C LYS B 233 15.48 2.18 -11.46
N TYR B 234 15.04 2.34 -10.19
CA TYR B 234 15.12 1.36 -9.12
C TYR B 234 14.16 1.80 -7.98
N GLY B 235 14.13 1.04 -6.89
CA GLY B 235 13.25 1.32 -5.74
C GLY B 235 13.91 2.23 -4.71
N GLU B 236 13.79 1.86 -3.43
CA GLU B 236 14.42 2.63 -2.35
C GLU B 236 15.93 2.55 -2.42
N ASN B 237 16.44 1.41 -2.96
CA ASN B 237 17.85 1.10 -3.12
C ASN B 237 18.09 0.56 -4.53
N PRO B 238 19.29 0.76 -5.12
CA PRO B 238 19.54 0.29 -6.50
C PRO B 238 19.26 -1.20 -6.77
N HIS B 239 19.42 -2.09 -5.77
CA HIS B 239 19.21 -3.55 -5.96
C HIS B 239 17.72 -3.93 -6.02
N GLN B 240 16.80 -2.97 -5.79
CA GLN B 240 15.35 -3.20 -5.86
C GLN B 240 14.78 -2.59 -7.14
N LYS B 241 13.77 -3.25 -7.73
CA LYS B 241 13.05 -2.67 -8.87
C LYS B 241 11.91 -1.85 -8.31
N GLY B 242 11.49 -0.81 -9.03
CA GLY B 242 10.41 0.05 -8.55
C GLY B 242 9.53 0.56 -9.67
N ALA B 243 8.32 1.01 -9.30
CA ALA B 243 7.34 1.61 -10.21
C ALA B 243 6.38 2.50 -9.43
N LEU B 244 5.75 3.44 -10.14
CA LEU B 244 4.72 4.32 -9.61
C LEU B 244 3.36 3.85 -10.16
N TYR B 245 2.36 3.68 -9.27
CA TYR B 245 0.97 3.30 -9.59
C TYR B 245 0.02 4.40 -9.15
N GLU B 246 -1.08 4.59 -9.89
CA GLU B 246 -2.06 5.60 -9.56
C GLU B 246 -3.48 5.07 -9.51
N PHE B 247 -4.32 5.72 -8.64
CA PHE B 247 -5.76 5.53 -8.54
C PHE B 247 -6.40 6.63 -9.45
N ASP B 248 -7.37 6.29 -10.30
CA ASP B 248 -8.12 7.25 -11.14
C ASP B 248 -7.28 8.33 -11.90
N ALA B 249 -6.09 7.96 -12.40
CA ALA B 249 -5.18 8.78 -13.23
C ALA B 249 -4.76 10.18 -12.64
N PHE B 250 -4.54 10.31 -11.31
CA PHE B 250 -4.09 11.53 -10.63
C PHE B 250 -2.72 12.01 -11.12
N PHE B 251 -1.72 11.11 -11.25
CA PHE B 251 -0.36 11.48 -11.67
C PHE B 251 -0.31 11.73 -13.18
N SER B 252 -1.04 10.95 -13.98
CA SER B 252 -1.14 11.10 -15.44
C SER B 252 -1.75 12.45 -15.85
N ALA B 253 -2.80 12.89 -15.17
CA ALA B 253 -3.53 14.11 -15.49
C ALA B 253 -2.97 15.40 -14.84
N ASN B 254 -2.25 15.31 -13.71
CA ASN B 254 -1.83 16.54 -13.01
C ASN B 254 -0.32 16.75 -12.85
N PHE B 255 0.52 15.94 -13.48
CA PHE B 255 1.96 16.11 -13.36
C PHE B 255 2.63 15.97 -14.71
N LYS B 256 3.47 16.93 -15.03
CA LYS B 256 4.22 16.92 -16.28
C LYS B 256 5.68 17.22 -15.96
N ALA B 257 6.57 16.31 -16.36
CA ALA B 257 8.00 16.46 -16.19
C ALA B 257 8.51 17.38 -17.29
N LEU B 258 9.00 18.57 -16.92
CA LEU B 258 9.54 19.53 -17.89
C LEU B 258 11.03 19.25 -18.14
N LYS B 259 11.70 18.66 -17.13
CA LYS B 259 13.11 18.30 -17.14
C LYS B 259 13.37 17.11 -16.21
N GLY B 260 14.09 16.11 -16.71
CA GLY B 260 14.47 14.91 -15.97
C GLY B 260 13.37 13.88 -15.71
N GLU B 261 13.72 12.84 -14.92
CA GLU B 261 12.82 11.74 -14.50
C GLU B 261 12.89 11.57 -12.99
N ALA B 262 11.73 11.47 -12.32
CA ALA B 262 11.72 11.26 -10.87
C ALA B 262 12.11 9.82 -10.50
N SER B 263 12.96 9.69 -9.49
CA SER B 263 13.36 8.42 -8.90
C SER B 263 12.26 8.00 -7.92
N PHE B 264 12.33 6.78 -7.38
CA PHE B 264 11.37 6.26 -6.40
C PHE B 264 11.35 7.17 -5.15
N ASN B 265 12.53 7.54 -4.62
CA ASN B 265 12.68 8.38 -3.42
C ASN B 265 12.29 9.83 -3.68
N ASN B 266 12.46 10.31 -4.94
CA ASN B 266 12.02 11.65 -5.36
C ASN B 266 10.52 11.79 -5.19
N LEU B 267 9.77 10.74 -5.57
CA LEU B 267 8.30 10.69 -5.52
C LEU B 267 7.76 10.75 -4.10
N THR B 268 8.41 10.08 -3.12
CA THR B 268 7.95 10.15 -1.73
C THR B 268 8.32 11.54 -1.15
N ASP B 269 9.44 12.15 -1.61
CA ASP B 269 9.84 13.51 -1.19
C ASP B 269 8.91 14.57 -1.79
N ILE B 270 8.51 14.40 -3.08
CA ILE B 270 7.57 15.30 -3.79
C ILE B 270 6.24 15.29 -3.03
N ASN B 271 5.74 14.07 -2.73
CA ASN B 271 4.50 13.87 -1.98
C ASN B 271 4.50 14.69 -0.68
N ALA B 272 5.58 14.60 0.12
CA ALA B 272 5.71 15.30 1.38
C ALA B 272 5.78 16.85 1.19
N ALA B 273 6.56 17.34 0.21
CA ALA B 273 6.69 18.78 -0.03
C ALA B 273 5.38 19.39 -0.58
N LEU B 274 4.72 18.66 -1.50
CA LEU B 274 3.46 19.06 -2.13
C LEU B 274 2.34 19.12 -1.08
N ASN B 275 2.25 18.11 -0.20
CA ASN B 275 1.21 18.07 0.83
C ASN B 275 1.31 19.27 1.79
N LEU B 276 2.53 19.66 2.16
CA LEU B 276 2.77 20.82 3.02
C LEU B 276 2.47 22.16 2.31
N ALA B 277 3.01 22.36 1.10
CA ALA B 277 2.86 23.62 0.36
C ALA B 277 1.42 23.86 -0.15
N SER B 278 0.56 22.83 -0.17
CA SER B 278 -0.84 22.94 -0.61
C SER B 278 -1.82 22.96 0.58
N SER B 279 -1.31 23.12 1.80
CA SER B 279 -2.13 23.10 3.03
C SER B 279 -2.60 24.48 3.49
N PHE B 280 -2.35 25.53 2.69
CA PHE B 280 -2.66 26.92 3.06
C PHE B 280 -3.42 27.68 1.95
N ASP B 281 -4.29 26.95 1.20
CA ASP B 281 -5.11 27.45 0.10
C ASP B 281 -4.26 28.16 -0.98
N LYS B 282 -4.50 29.46 -1.21
CA LYS B 282 -3.84 30.26 -2.24
C LYS B 282 -2.63 31.06 -1.70
N ALA B 283 -2.24 30.82 -0.46
CA ALA B 283 -1.08 31.47 0.13
C ALA B 283 0.17 31.05 -0.60
N PRO B 284 1.14 31.95 -0.68
CA PRO B 284 2.37 31.68 -1.43
C PRO B 284 3.36 30.88 -0.62
N ALA B 285 3.00 29.65 -0.30
CA ALA B 285 3.86 28.72 0.43
C ALA B 285 5.02 28.13 -0.38
N ILE B 286 6.15 27.96 0.30
CA ILE B 286 7.32 27.25 -0.24
C ILE B 286 7.70 26.16 0.78
N ALA B 287 7.80 24.90 0.34
CA ALA B 287 8.23 23.78 1.20
C ALA B 287 9.52 23.17 0.65
N ILE B 288 10.50 22.91 1.52
CA ILE B 288 11.77 22.28 1.15
C ILE B 288 11.88 20.98 1.95
N VAL B 289 12.04 19.86 1.25
CA VAL B 289 12.10 18.54 1.91
C VAL B 289 13.41 17.82 1.53
N LYS B 290 13.99 17.13 2.53
CA LYS B 290 15.18 16.30 2.38
C LYS B 290 14.99 15.01 3.17
N HIS B 291 15.17 13.86 2.51
CA HIS B 291 15.01 12.51 3.07
C HIS B 291 13.65 12.31 3.78
N GLY B 292 12.58 12.77 3.12
CA GLY B 292 11.21 12.67 3.61
C GLY B 292 10.78 13.64 4.69
N ASN B 293 11.69 14.46 5.21
CA ASN B 293 11.34 15.41 6.26
C ASN B 293 11.50 16.84 5.80
N PRO B 294 10.66 17.77 6.34
CA PRO B 294 10.82 19.18 5.97
C PRO B 294 12.08 19.78 6.59
N CYS B 295 12.84 20.56 5.81
CA CYS B 295 14.03 21.25 6.30
C CYS B 295 13.89 22.77 6.06
N GLY B 296 12.78 23.15 5.41
CA GLY B 296 12.43 24.54 5.15
C GLY B 296 10.96 24.73 4.82
N PHE B 297 10.39 25.86 5.30
CA PHE B 297 9.00 26.27 5.07
C PHE B 297 8.81 27.74 5.41
N ALA B 298 8.10 28.47 4.53
CA ALA B 298 7.78 29.88 4.75
C ALA B 298 6.62 30.34 3.88
N ILE B 299 5.85 31.31 4.42
CA ILE B 299 4.77 32.04 3.78
C ILE B 299 5.06 33.50 4.07
N LYS B 300 5.50 34.24 3.05
CA LYS B 300 5.79 35.67 3.20
C LYS B 300 4.87 36.48 2.26
N GLU B 301 5.25 37.71 1.87
CA GLU B 301 4.41 38.56 1.02
C GLU B 301 4.27 38.01 -0.41
N ASN B 302 5.32 37.34 -0.93
CA ASN B 302 5.37 36.76 -2.27
C ASN B 302 6.24 35.50 -2.27
N LEU B 303 6.26 34.75 -3.38
CA LEU B 303 6.99 33.46 -3.48
C LEU B 303 8.51 33.61 -3.35
N VAL B 304 9.09 34.70 -3.90
CA VAL B 304 10.54 34.96 -3.83
C VAL B 304 10.92 35.12 -2.34
N GLN B 305 10.14 35.93 -1.59
CA GLN B 305 10.38 36.17 -0.15
C GLN B 305 10.18 34.90 0.66
N SER B 306 9.16 34.10 0.30
CA SER B 306 8.88 32.82 0.96
C SER B 306 10.05 31.87 0.76
N TYR B 307 10.67 31.82 -0.46
CA TYR B 307 11.82 30.93 -0.71
C TYR B 307 13.04 31.32 0.14
N ILE B 308 13.36 32.64 0.16
CA ILE B 308 14.48 33.24 0.90
C ILE B 308 14.38 32.86 2.39
N HIS B 309 13.18 33.01 2.98
CA HIS B 309 12.93 32.73 4.39
C HIS B 309 12.82 31.23 4.70
N ALA B 310 12.46 30.38 3.71
CA ALA B 310 12.37 28.94 3.91
C ALA B 310 13.77 28.30 3.95
N LEU B 311 14.67 28.79 3.08
CA LEU B 311 16.06 28.36 2.95
C LEU B 311 16.92 28.69 4.19
N LYS B 312 16.61 29.79 4.92
CA LYS B 312 17.31 30.26 6.12
C LYS B 312 17.38 29.23 7.28
N CYS B 313 16.36 28.39 7.38
CA CYS B 313 16.29 27.40 8.45
C CYS B 313 17.37 26.33 8.43
N ASP B 314 17.64 25.78 7.25
CA ASP B 314 18.71 24.79 7.10
C ASP B 314 19.21 24.78 5.67
N SER B 315 20.16 25.65 5.37
CA SER B 315 20.71 25.79 4.02
C SER B 315 21.42 24.51 3.58
N VAL B 316 22.05 23.87 4.55
CA VAL B 316 22.90 22.67 4.39
C VAL B 316 22.04 21.49 3.92
N SER B 317 20.95 21.15 4.65
CA SER B 317 20.05 20.05 4.29
C SER B 317 19.30 20.38 3.00
N ALA B 318 19.02 21.70 2.77
CA ALA B 318 18.33 22.20 1.58
C ALA B 318 19.10 21.87 0.28
N TYR B 319 20.43 21.61 0.37
CA TYR B 319 21.28 21.20 -0.75
C TYR B 319 20.84 19.81 -1.24
N GLY B 320 20.49 19.72 -2.52
CA GLY B 320 20.02 18.49 -3.14
C GLY B 320 18.66 18.06 -2.63
N GLY B 321 17.87 19.02 -2.21
CA GLY B 321 16.53 18.81 -1.67
C GLY B 321 15.44 18.95 -2.71
N VAL B 322 14.18 18.85 -2.26
CA VAL B 322 12.99 18.92 -3.09
C VAL B 322 12.20 20.17 -2.71
N VAL B 323 11.93 21.04 -3.69
CA VAL B 323 11.23 22.32 -3.49
C VAL B 323 9.83 22.29 -4.11
N ALA B 324 8.78 22.57 -3.31
CA ALA B 324 7.39 22.66 -3.80
C ALA B 324 6.93 24.12 -3.71
N ILE B 325 6.42 24.66 -4.84
CA ILE B 325 6.02 26.06 -4.97
C ILE B 325 4.50 26.19 -5.18
N ASN B 326 3.77 26.82 -4.24
CA ASN B 326 2.32 26.98 -4.40
C ASN B 326 1.99 28.21 -5.29
N GLY B 327 2.27 28.06 -6.57
CA GLY B 327 2.06 29.10 -7.55
C GLY B 327 3.04 29.02 -8.71
N THR B 328 3.26 30.18 -9.34
CA THR B 328 4.13 30.35 -10.50
C THR B 328 5.62 30.36 -10.18
N LEU B 329 6.38 29.53 -10.88
CA LEU B 329 7.83 29.60 -10.85
C LEU B 329 8.18 30.53 -12.01
N ASP B 330 8.47 31.80 -11.70
CA ASP B 330 8.84 32.80 -12.70
C ASP B 330 10.37 32.87 -12.80
N GLU B 331 10.88 33.70 -13.72
CA GLU B 331 12.32 33.87 -13.97
C GLU B 331 13.07 34.30 -12.69
N ALA B 332 12.51 35.28 -11.93
CA ALA B 332 13.08 35.82 -10.70
C ALA B 332 13.26 34.74 -9.63
N LEU B 333 12.20 33.96 -9.35
CA LEU B 333 12.26 32.87 -8.38
C LEU B 333 13.17 31.74 -8.87
N ALA B 334 13.19 31.45 -10.19
CA ALA B 334 14.05 30.40 -10.75
C ALA B 334 15.53 30.75 -10.56
N ASN B 335 15.88 32.03 -10.76
CA ASN B 335 17.24 32.58 -10.59
C ASN B 335 17.68 32.58 -9.13
N LYS B 336 16.74 32.82 -8.19
CA LYS B 336 17.03 32.82 -6.75
C LYS B 336 17.26 31.37 -6.24
N ILE B 337 16.51 30.39 -6.77
CA ILE B 337 16.68 28.98 -6.38
C ILE B 337 18.00 28.44 -6.97
N ASN B 338 18.31 28.80 -8.23
CA ASN B 338 19.49 28.37 -8.99
C ASN B 338 20.84 28.78 -8.34
N GLU B 339 20.81 29.63 -7.28
CA GLU B 339 22.02 30.06 -6.54
C GLU B 339 22.67 28.85 -5.85
N ILE B 340 21.85 27.86 -5.46
CA ILE B 340 22.30 26.61 -4.84
C ILE B 340 21.88 25.43 -5.73
N TYR B 341 22.23 24.19 -5.31
CA TYR B 341 21.81 22.99 -6.01
C TYR B 341 20.69 22.31 -5.25
N VAL B 342 19.59 22.01 -5.95
CA VAL B 342 18.44 21.24 -5.47
C VAL B 342 18.21 20.13 -6.49
N GLU B 343 17.67 19.00 -6.06
CA GLU B 343 17.42 17.89 -6.97
C GLU B 343 16.10 18.06 -7.72
N VAL B 344 15.05 18.57 -7.06
CA VAL B 344 13.71 18.67 -7.63
C VAL B 344 13.03 20.02 -7.31
N ILE B 345 12.26 20.51 -8.29
CA ILE B 345 11.38 21.66 -8.17
C ILE B 345 10.03 21.24 -8.73
N ILE B 346 8.98 21.35 -7.91
CA ILE B 346 7.62 21.09 -8.36
C ILE B 346 6.83 22.39 -8.12
N ALA B 347 6.32 22.96 -9.20
CA ALA B 347 5.53 24.19 -9.14
C ALA B 347 4.14 23.94 -9.72
N ALA B 348 3.17 24.77 -9.31
CA ALA B 348 1.80 24.69 -9.82
C ALA B 348 1.80 24.94 -11.34
N ASN B 349 2.60 25.92 -11.80
CA ASN B 349 2.80 26.31 -13.20
C ASN B 349 4.20 26.93 -13.34
N VAL B 350 4.84 26.73 -14.50
CA VAL B 350 6.21 27.20 -14.76
C VAL B 350 6.23 28.07 -16.04
N ASP B 351 6.84 29.27 -15.95
CA ASP B 351 7.02 30.15 -17.11
C ASP B 351 8.15 29.59 -17.99
N GLU B 352 8.08 29.82 -19.33
CA GLU B 352 9.10 29.38 -20.30
C GLU B 352 10.49 29.90 -19.91
N LYS B 353 10.60 31.21 -19.59
CA LYS B 353 11.83 31.89 -19.17
C LYS B 353 12.43 31.29 -17.89
N ALA B 354 11.56 30.77 -16.99
CA ALA B 354 12.00 30.16 -15.73
C ALA B 354 12.67 28.82 -16.01
N LEU B 355 12.12 28.04 -16.96
CA LEU B 355 12.66 26.73 -17.34
C LEU B 355 14.03 26.89 -18.00
N ALA B 356 14.22 27.95 -18.82
CA ALA B 356 15.44 28.28 -19.57
C ALA B 356 16.66 28.50 -18.67
N VAL B 357 16.44 29.03 -17.45
CA VAL B 357 17.44 29.27 -16.40
C VAL B 357 18.25 27.96 -16.11
N PHE B 358 17.56 26.78 -16.20
CA PHE B 358 18.14 25.47 -15.89
C PHE B 358 18.49 24.63 -17.16
N GLU B 359 18.91 25.27 -18.27
CA GLU B 359 19.26 24.54 -19.49
C GLU B 359 20.63 23.84 -19.39
N GLY B 360 21.57 24.46 -18.69
CA GLY B 360 22.94 23.95 -18.52
C GLY B 360 23.13 22.74 -17.61
N LYS B 361 22.49 22.75 -16.42
CA LYS B 361 22.68 21.70 -15.43
C LYS B 361 21.92 20.41 -15.78
N LYS B 362 22.45 19.27 -15.31
CA LYS B 362 21.95 17.93 -15.62
C LYS B 362 21.06 17.31 -14.52
N ARG B 363 21.54 17.31 -13.27
CA ARG B 363 20.95 16.65 -12.11
C ARG B 363 19.56 17.14 -11.67
N ILE B 364 19.17 18.38 -11.99
CA ILE B 364 17.91 18.95 -11.53
C ILE B 364 16.69 18.40 -12.32
N LYS B 365 15.56 18.21 -11.61
CA LYS B 365 14.31 17.75 -12.19
C LYS B 365 13.25 18.80 -11.93
N ILE B 366 12.48 19.16 -12.96
CA ILE B 366 11.44 20.20 -12.85
C ILE B 366 10.10 19.61 -13.27
N PHE B 367 9.08 19.79 -12.41
CA PHE B 367 7.72 19.33 -12.62
C PHE B 367 6.73 20.50 -12.55
N THR B 368 5.63 20.38 -13.30
CA THR B 368 4.55 21.35 -13.34
C THR B 368 3.22 20.63 -13.18
N GLN B 369 2.18 21.39 -12.79
CA GLN B 369 0.84 20.86 -12.64
C GLN B 369 -0.14 21.58 -13.61
N GLU B 370 0.38 22.54 -14.41
CA GLU B 370 -0.35 23.39 -15.36
C GLU B 370 -1.66 23.91 -14.71
N SER B 371 -1.50 24.51 -13.52
CA SER B 371 -2.55 24.97 -12.63
C SER B 371 -2.16 26.25 -11.91
N PRO B 372 -3.11 27.14 -11.51
CA PRO B 372 -2.72 28.36 -10.78
C PRO B 372 -2.10 28.02 -9.42
N PHE B 373 -2.64 27.00 -8.73
CA PHE B 373 -2.16 26.57 -7.40
C PHE B 373 -1.98 25.04 -7.37
N LEU B 374 -1.16 24.54 -6.43
CA LEU B 374 -0.84 23.11 -6.30
C LEU B 374 -2.08 22.24 -6.08
N ILE B 375 -2.12 21.07 -6.75
CA ILE B 375 -3.23 20.11 -6.71
C ILE B 375 -2.77 18.82 -5.97
N ARG B 376 -3.54 18.43 -4.95
CA ARG B 376 -3.53 17.20 -4.14
C ARG B 376 -4.61 16.22 -4.56
N SER B 377 -4.52 14.94 -4.18
CA SER B 377 -5.58 13.97 -4.54
C SER B 377 -6.71 13.83 -3.46
N PHE B 378 -6.37 14.02 -2.17
CA PHE B 378 -7.17 13.88 -0.96
C PHE B 378 -7.75 12.46 -0.84
N ASP B 379 -6.86 11.45 -0.79
CA ASP B 379 -7.28 10.06 -0.61
C ASP B 379 -7.98 9.92 0.75
N LYS B 380 -9.16 9.28 0.76
CA LYS B 380 -9.91 9.08 2.00
C LYS B 380 -9.23 8.07 2.93
N TYR B 381 -8.48 7.10 2.36
CA TYR B 381 -7.88 6.05 3.16
C TYR B 381 -6.37 5.96 2.98
N ASP B 382 -5.73 5.42 4.02
CA ASP B 382 -4.29 5.21 4.11
C ASP B 382 -4.05 3.72 4.44
N PHE B 383 -2.87 3.21 4.08
CA PHE B 383 -2.50 1.82 4.28
C PHE B 383 -0.99 1.69 4.43
N LYS B 384 -0.56 0.70 5.22
CA LYS B 384 0.85 0.42 5.46
C LYS B 384 1.11 -1.07 5.28
N HIS B 385 2.16 -1.41 4.53
CA HIS B 385 2.55 -2.80 4.33
C HIS B 385 3.23 -3.35 5.58
N ILE B 386 2.80 -4.55 5.99
CA ILE B 386 3.41 -5.34 7.07
C ILE B 386 3.53 -6.75 6.49
N ASP B 387 4.49 -7.54 6.91
CA ASP B 387 4.65 -8.80 6.23
C ASP B 387 3.44 -9.69 6.43
N GLY B 388 2.96 -10.26 5.33
CA GLY B 388 1.72 -11.01 5.28
C GLY B 388 0.44 -10.25 4.98
N GLY B 389 0.53 -8.93 4.79
CA GLY B 389 -0.66 -8.12 4.60
C GLY B 389 -0.48 -6.62 4.68
N PHE B 390 -1.54 -5.94 5.08
CA PHE B 390 -1.49 -4.51 5.35
C PHE B 390 -2.47 -4.07 6.45
N VAL B 391 -2.15 -2.96 7.09
CA VAL B 391 -3.06 -2.29 8.03
C VAL B 391 -3.71 -1.17 7.22
N TYR B 392 -4.99 -0.92 7.47
CA TYR B 392 -5.78 0.03 6.71
C TYR B 392 -6.48 1.01 7.65
N GLN B 393 -6.59 2.29 7.27
CA GLN B 393 -7.22 3.29 8.14
C GLN B 393 -7.72 4.50 7.36
N ASN B 394 -8.49 5.39 8.02
CA ASN B 394 -8.88 6.70 7.46
C ASN B 394 -7.63 7.55 7.36
N SER B 395 -7.54 8.38 6.32
CA SER B 395 -6.41 9.31 6.16
C SER B 395 -6.42 10.37 7.27
N ASP B 396 -5.25 10.73 7.79
CA ASP B 396 -5.20 11.78 8.81
C ASP B 396 -5.30 13.15 8.13
N GLU B 397 -5.77 14.17 8.87
CA GLU B 397 -5.94 15.52 8.38
C GLU B 397 -5.94 16.52 9.55
N VAL B 398 -5.34 17.71 9.34
CA VAL B 398 -5.38 18.78 10.32
C VAL B 398 -6.65 19.55 9.99
N GLY B 399 -7.66 19.45 10.86
CA GLY B 399 -8.94 20.12 10.70
C GLY B 399 -8.79 21.63 10.61
N GLU B 400 -9.66 22.26 9.82
CA GLU B 400 -9.65 23.70 9.58
C GLU B 400 -9.85 24.51 10.88
N ASP B 401 -10.60 23.97 11.85
CA ASP B 401 -10.86 24.63 13.13
C ASP B 401 -10.12 23.98 14.31
N GLU B 402 -9.03 23.24 14.06
CA GLU B 402 -8.29 22.54 15.11
C GLU B 402 -7.68 23.51 16.14
N LEU B 403 -7.07 24.62 15.66
CA LEU B 403 -6.48 25.63 16.53
C LEU B 403 -7.56 26.56 17.07
N LYS B 404 -8.58 26.90 16.25
CA LYS B 404 -9.71 27.76 16.64
C LYS B 404 -10.50 27.16 17.81
N ASN B 405 -10.68 25.82 17.81
CA ASN B 405 -11.43 25.09 18.85
C ASN B 405 -10.53 24.60 20.00
N ALA B 406 -9.22 24.93 19.97
CA ALA B 406 -8.28 24.54 21.03
C ALA B 406 -8.56 25.30 22.33
N LYS B 407 -8.25 24.67 23.47
CA LYS B 407 -8.46 25.29 24.77
C LYS B 407 -7.24 26.15 25.16
N LEU B 408 -7.49 27.40 25.54
CA LEU B 408 -6.44 28.29 26.04
C LEU B 408 -6.19 27.92 27.50
N MSE B 409 -4.99 27.42 27.80
CA MSE B 409 -4.65 26.92 29.13
C MSE B 409 -3.93 27.95 30.01
O MSE B 409 -3.93 27.83 31.24
CB MSE B 409 -3.75 25.68 29.01
CG MSE B 409 -4.30 24.58 28.11
SE MSE B 409 -6.09 23.93 28.59
CE MSE B 409 -5.65 23.23 30.45
N SER B 410 -3.28 28.93 29.37
CA SER B 410 -2.43 29.92 30.03
C SER B 410 -3.09 31.27 30.33
N GLN B 411 -2.35 32.12 31.06
CA GLN B 411 -2.69 33.51 31.38
C GLN B 411 -2.78 34.33 30.12
N ARG B 412 -1.69 34.27 29.33
CA ARG B 412 -1.52 35.00 28.08
C ARG B 412 -2.21 34.26 26.92
N GLU B 413 -2.84 35.06 26.05
CA GLU B 413 -3.47 34.67 24.80
C GLU B 413 -2.51 35.08 23.69
N ALA B 414 -2.40 34.26 22.63
CA ALA B 414 -1.51 34.57 21.51
C ALA B 414 -2.10 35.69 20.66
N SER B 415 -1.24 36.50 20.04
CA SER B 415 -1.66 37.57 19.13
C SER B 415 -2.13 36.97 17.79
N LYS B 416 -2.67 37.82 16.89
CA LYS B 416 -3.16 37.38 15.57
C LYS B 416 -2.02 36.81 14.73
N GLU B 417 -0.82 37.42 14.79
CA GLU B 417 0.36 36.97 14.06
C GLU B 417 0.86 35.64 14.64
N GLU B 418 0.84 35.51 15.98
CA GLU B 418 1.27 34.31 16.69
C GLU B 418 0.34 33.13 16.38
N LEU B 419 -0.99 33.39 16.23
CA LEU B 419 -1.97 32.36 15.90
C LEU B 419 -1.74 31.83 14.47
N LYS B 420 -1.32 32.72 13.53
CA LYS B 420 -0.98 32.33 12.16
C LYS B 420 0.26 31.43 12.16
N ASP B 421 1.28 31.78 12.98
CA ASP B 421 2.51 31.00 13.12
C ASP B 421 2.24 29.64 13.76
N LEU B 422 1.30 29.57 14.74
CA LEU B 422 0.95 28.31 15.40
C LEU B 422 0.30 27.35 14.40
N GLU B 423 -0.59 27.89 13.53
CA GLU B 423 -1.29 27.18 12.47
C GLU B 423 -0.26 26.52 11.53
N ILE B 424 0.79 27.29 11.15
CA ILE B 424 1.87 26.81 10.30
C ILE B 424 2.63 25.70 11.04
N ALA B 425 3.02 25.96 12.32
CA ALA B 425 3.79 25.01 13.13
C ALA B 425 3.04 23.66 13.34
N MSE B 426 1.72 23.70 13.61
CA MSE B 426 0.83 22.54 13.77
C MSE B 426 0.85 21.61 12.57
O MSE B 426 0.92 20.40 12.72
CB MSE B 426 -0.60 23.03 13.90
CG MSE B 426 -1.06 23.35 15.27
SE MSE B 426 -2.98 23.56 15.07
CE MSE B 426 -3.46 21.75 15.26
N LYS B 427 0.67 22.21 11.38
CA LYS B 427 0.59 21.50 10.11
C LYS B 427 1.91 20.87 9.74
N ILE B 428 3.05 21.57 9.98
CA ILE B 428 4.38 21.00 9.70
C ILE B 428 4.59 19.79 10.62
N ALA B 429 4.32 19.94 11.94
CA ALA B 429 4.49 18.89 12.94
C ALA B 429 3.66 17.65 12.60
N ALA B 430 2.39 17.83 12.19
CA ALA B 430 1.49 16.73 11.84
C ALA B 430 1.97 15.94 10.61
N PHE B 431 2.59 16.62 9.63
CA PHE B 431 3.10 15.97 8.41
C PHE B 431 4.48 15.36 8.59
N THR B 432 5.23 15.79 9.61
CA THR B 432 6.59 15.30 9.90
C THR B 432 6.51 13.98 10.70
N LYS B 433 7.46 13.06 10.47
CA LYS B 433 7.54 11.79 11.21
C LYS B 433 7.85 12.10 12.67
N SER B 434 7.07 11.52 13.58
CA SER B 434 7.14 11.78 15.03
C SER B 434 8.34 11.07 15.70
N ASN B 435 8.75 11.44 16.94
CA ASN B 435 8.25 12.56 17.75
C ASN B 435 9.01 13.81 17.34
N ASN B 436 8.29 14.94 17.15
CA ASN B 436 8.96 16.13 16.66
C ASN B 436 8.58 17.42 17.39
N VAL B 437 9.38 18.48 17.13
CA VAL B 437 9.19 19.85 17.62
C VAL B 437 9.43 20.79 16.44
N VAL B 438 8.50 21.73 16.23
CA VAL B 438 8.56 22.69 15.12
C VAL B 438 8.48 24.10 15.70
N TYR B 439 9.44 24.97 15.32
CA TYR B 439 9.55 26.38 15.73
C TYR B 439 9.30 27.27 14.52
N VAL B 440 8.31 28.18 14.61
CA VAL B 440 7.93 29.07 13.50
C VAL B 440 7.93 30.52 13.99
N LYS B 441 8.44 31.45 13.16
CA LYS B 441 8.52 32.86 13.47
C LYS B 441 8.25 33.69 12.21
N ASN B 442 7.24 34.59 12.30
CA ASN B 442 6.78 35.49 11.24
C ASN B 442 6.52 34.77 9.89
N GLY B 443 5.76 33.67 9.94
CA GLY B 443 5.37 32.89 8.76
C GLY B 443 6.41 31.94 8.20
N ALA B 444 7.59 31.87 8.85
CA ALA B 444 8.69 31.02 8.43
C ALA B 444 9.16 30.06 9.53
N MSE B 445 9.44 28.80 9.17
CA MSE B 445 10.01 27.81 10.08
C MSE B 445 11.44 28.24 10.37
O MSE B 445 12.17 28.56 9.44
CB MSE B 445 9.94 26.38 9.50
CG MSE B 445 10.41 25.30 10.46
SE MSE B 445 10.18 23.45 9.79
CE MSE B 445 11.70 23.39 8.67
N VAL B 446 11.82 28.30 11.66
CA VAL B 446 13.15 28.76 12.07
C VAL B 446 13.98 27.61 12.69
N ALA B 447 13.31 26.51 13.13
CA ALA B 447 13.95 25.33 13.70
C ALA B 447 13.01 24.14 13.68
N ILE B 448 13.60 22.92 13.64
CA ILE B 448 12.90 21.64 13.65
C ILE B 448 13.81 20.55 14.24
N GLY B 449 13.27 19.78 15.17
CA GLY B 449 13.93 18.66 15.83
C GLY B 449 13.05 17.42 15.76
N MSE B 450 13.65 16.23 15.52
CA MSE B 450 12.92 14.96 15.37
C MSE B 450 13.86 13.74 15.50
O MSE B 450 15.06 13.89 15.73
CB MSE B 450 12.23 14.93 13.98
CG MSE B 450 13.22 14.86 12.82
SE MSE B 450 12.38 15.23 11.17
CE MSE B 450 13.03 16.99 10.85
N GLY B 451 13.29 12.54 15.33
CA GLY B 451 14.03 11.29 15.25
C GLY B 451 14.47 10.56 16.51
N MSE B 452 15.22 11.22 17.42
CA MSE B 452 15.70 10.53 18.62
C MSE B 452 14.55 10.19 19.60
O MSE B 452 13.39 10.56 19.38
CB MSE B 452 16.83 11.30 19.34
CG MSE B 452 18.19 11.30 18.59
SE MSE B 452 19.05 9.61 18.04
CE MSE B 452 19.28 8.77 19.79
N THR B 453 14.90 9.46 20.66
CA THR B 453 14.01 8.89 21.69
C THR B 453 13.30 9.94 22.53
N SER B 454 13.89 11.15 22.69
CA SER B 454 13.29 12.21 23.49
C SER B 454 13.18 13.53 22.73
N ARG B 455 12.08 14.27 23.01
CA ARG B 455 11.74 15.59 22.45
C ARG B 455 12.57 16.70 23.11
N ILE B 456 13.25 16.42 24.25
CA ILE B 456 14.16 17.35 24.92
C ILE B 456 15.51 17.26 24.15
N ASP B 457 15.88 16.03 23.71
CA ASP B 457 17.09 15.79 22.90
C ASP B 457 16.91 16.39 21.49
N ALA B 458 15.70 16.20 20.90
CA ALA B 458 15.31 16.71 19.58
C ALA B 458 15.34 18.25 19.54
N ALA B 459 14.85 18.91 20.62
CA ALA B 459 14.81 20.37 20.78
C ALA B 459 16.22 20.97 20.86
N LYS B 460 17.16 20.28 21.55
CA LYS B 460 18.55 20.73 21.70
C LYS B 460 19.29 20.70 20.36
N ALA B 461 18.98 19.71 19.51
CA ALA B 461 19.54 19.58 18.16
C ALA B 461 18.96 20.67 17.25
N ALA B 462 17.68 21.03 17.44
CA ALA B 462 16.97 22.07 16.69
C ALA B 462 17.56 23.45 16.98
N ILE B 463 17.81 23.75 18.29
CA ILE B 463 18.37 25.03 18.76
C ILE B 463 19.81 25.16 18.25
N ALA B 464 20.58 24.05 18.25
CA ALA B 464 21.97 23.99 17.79
C ALA B 464 22.08 24.39 16.31
N LYS B 465 21.16 23.88 15.46
CA LYS B 465 21.10 24.19 14.03
C LYS B 465 20.69 25.65 13.79
N ALA B 466 19.75 26.16 14.60
CA ALA B 466 19.25 27.55 14.52
C ALA B 466 20.36 28.56 14.88
N LYS B 467 21.20 28.23 15.90
CA LYS B 467 22.34 29.05 16.34
C LYS B 467 23.40 29.09 15.23
N GLU B 468 23.64 27.92 14.61
CA GLU B 468 24.58 27.71 13.49
C GLU B 468 24.14 28.55 12.28
N MSE B 469 22.82 28.62 12.03
CA MSE B 469 22.20 29.39 10.94
C MSE B 469 22.10 30.89 11.26
O MSE B 469 21.70 31.68 10.38
CB MSE B 469 20.79 28.84 10.62
CG MSE B 469 20.79 27.50 9.92
SE MSE B 469 21.59 27.52 8.15
CE MSE B 469 22.33 25.74 8.10
N GLY B 470 22.46 31.28 12.48
CA GLY B 470 22.41 32.65 12.97
C GLY B 470 21.01 33.23 13.00
N LEU B 471 20.02 32.39 13.39
CA LEU B 471 18.62 32.80 13.44
C LEU B 471 18.19 33.21 14.84
N ASP B 472 17.45 34.34 14.93
CA ASP B 472 16.91 34.85 16.18
C ASP B 472 15.61 34.12 16.47
N LEU B 473 15.58 33.30 17.54
CA LEU B 473 14.39 32.52 17.89
C LEU B 473 13.46 33.27 18.86
N GLN B 474 13.88 34.46 19.36
CA GLN B 474 13.07 35.25 20.30
C GLN B 474 11.74 35.67 19.66
N GLY B 475 10.63 35.30 20.31
CA GLY B 475 9.29 35.61 19.82
C GLY B 475 8.66 34.54 18.95
N CYS B 476 9.37 33.42 18.70
CA CYS B 476 8.86 32.31 17.88
C CYS B 476 7.80 31.51 18.65
N VAL B 477 7.05 30.67 17.92
CA VAL B 477 6.06 29.77 18.49
C VAL B 477 6.55 28.33 18.32
N LEU B 478 6.02 27.41 19.14
CA LEU B 478 6.42 26.01 19.13
C LEU B 478 5.21 25.09 19.06
N ALA B 479 5.29 24.06 18.22
CA ALA B 479 4.26 23.04 18.11
C ALA B 479 4.84 21.66 18.24
N SER B 480 4.07 20.75 18.82
CA SER B 480 4.37 19.32 18.90
C SER B 480 3.07 18.56 18.73
N GLU B 481 3.02 17.53 17.87
CA GLU B 481 1.73 16.85 17.67
C GLU B 481 1.56 15.61 18.59
N ALA B 482 2.30 15.60 19.71
CA ALA B 482 2.25 14.69 20.85
C ALA B 482 2.31 15.54 22.14
N PHE B 483 1.57 15.18 23.22
CA PHE B 483 1.57 15.97 24.46
C PHE B 483 2.96 16.01 25.13
N PHE B 484 3.26 17.13 25.82
CA PHE B 484 4.51 17.27 26.57
C PHE B 484 4.31 16.66 27.95
N PRO B 485 5.09 15.62 28.32
CA PRO B 485 4.83 14.96 29.62
C PRO B 485 5.25 15.77 30.86
N PHE B 486 6.34 16.57 30.78
CA PHE B 486 6.81 17.32 31.96
C PHE B 486 7.13 18.80 31.63
N ARG B 487 7.23 19.65 32.68
CA ARG B 487 7.50 21.09 32.56
C ARG B 487 8.93 21.38 32.04
N ASP B 488 9.82 20.34 32.02
CA ASP B 488 11.19 20.45 31.51
C ASP B 488 11.19 20.80 30.00
N SER B 489 10.10 20.46 29.28
CA SER B 489 9.87 20.79 27.86
C SER B 489 9.69 22.31 27.71
N ILE B 490 8.96 22.94 28.66
CA ILE B 490 8.69 24.37 28.69
C ILE B 490 9.96 25.13 29.11
N ASP B 491 10.67 24.66 30.16
CA ASP B 491 11.90 25.29 30.68
C ASP B 491 12.99 25.36 29.61
N GLU B 492 13.06 24.36 28.72
CA GLU B 492 14.01 24.34 27.60
C GLU B 492 13.57 25.35 26.52
N ALA B 493 12.25 25.48 26.30
CA ALA B 493 11.65 26.42 25.35
C ALA B 493 11.86 27.89 25.80
N SER B 494 11.97 28.13 27.13
CA SER B 494 12.19 29.46 27.70
C SER B 494 13.58 30.03 27.37
N LYS B 495 14.57 29.14 27.19
CA LYS B 495 15.96 29.51 26.86
C LYS B 495 16.05 30.32 25.56
N VAL B 496 15.24 29.96 24.53
CA VAL B 496 15.24 30.61 23.21
C VAL B 496 14.13 31.69 23.06
N GLY B 497 13.38 31.95 24.13
CA GLY B 497 12.32 32.96 24.11
C GLY B 497 11.07 32.61 23.31
N VAL B 498 10.53 31.38 23.50
CA VAL B 498 9.28 30.90 22.89
C VAL B 498 8.12 31.67 23.54
N LYS B 499 7.23 32.29 22.74
CA LYS B 499 6.13 33.10 23.26
C LYS B 499 4.77 32.37 23.25
N ALA B 500 4.59 31.38 22.37
CA ALA B 500 3.34 30.63 22.26
C ALA B 500 3.59 29.16 21.94
N ILE B 501 2.79 28.28 22.55
CA ILE B 501 2.92 26.84 22.35
C ILE B 501 1.55 26.23 22.02
N VAL B 502 1.51 25.34 21.01
CA VAL B 502 0.32 24.59 20.62
C VAL B 502 0.69 23.10 20.68
N GLU B 503 -0.09 22.35 21.43
CA GLU B 503 0.12 20.94 21.73
C GLU B 503 -1.26 20.25 21.84
N PRO B 504 -1.42 18.93 21.58
CA PRO B 504 -2.74 18.30 21.78
C PRO B 504 -3.19 18.30 23.26
N GLY B 505 -2.24 18.12 24.19
CA GLY B 505 -2.51 18.03 25.62
C GLY B 505 -2.82 16.59 26.00
N GLY B 506 -3.02 16.33 27.29
CA GLY B 506 -3.35 14.98 27.74
C GLY B 506 -2.40 14.28 28.69
N SER B 507 -1.40 15.00 29.24
CA SER B 507 -0.45 14.46 30.21
C SER B 507 -1.05 14.49 31.63
N ILE B 508 -0.48 13.71 32.59
CA ILE B 508 -0.92 13.75 34.01
C ILE B 508 -0.57 15.12 34.63
N ARG B 509 0.68 15.57 34.43
CA ARG B 509 1.19 16.82 34.99
C ARG B 509 0.95 18.00 34.03
N ASP B 510 -0.19 18.01 33.32
CA ASP B 510 -0.57 19.08 32.39
C ASP B 510 -0.65 20.43 33.14
N ASP B 511 -1.13 20.41 34.40
CA ASP B 511 -1.26 21.57 35.28
C ASP B 511 0.15 22.16 35.61
N GLU B 512 1.20 21.31 35.57
CA GLU B 512 2.60 21.69 35.81
C GLU B 512 3.22 22.31 34.53
N VAL B 513 2.79 21.83 33.35
CA VAL B 513 3.21 22.31 32.02
C VAL B 513 2.56 23.72 31.81
N VAL B 514 1.36 23.93 32.39
CA VAL B 514 0.59 25.17 32.36
C VAL B 514 1.27 26.21 33.26
N LYS B 515 1.69 25.80 34.48
CA LYS B 515 2.34 26.65 35.48
C LYS B 515 3.66 27.21 34.93
N ALA B 516 4.42 26.37 34.23
CA ALA B 516 5.71 26.76 33.63
C ALA B 516 5.48 27.84 32.56
N ALA B 517 4.51 27.63 31.64
CA ALA B 517 4.17 28.60 30.61
C ALA B 517 3.69 29.94 31.20
N ASP B 518 3.04 29.89 32.39
CA ASP B 518 2.57 31.09 33.10
C ASP B 518 3.73 31.85 33.74
N GLU B 519 4.75 31.15 34.26
CA GLU B 519 5.95 31.73 34.84
C GLU B 519 6.73 32.55 33.79
N TYR B 520 6.83 32.02 32.56
CA TYR B 520 7.55 32.67 31.46
C TYR B 520 6.69 33.60 30.62
N GLY B 521 5.40 33.69 30.96
CA GLY B 521 4.44 34.53 30.25
C GLY B 521 4.20 34.08 28.84
N MSE B 522 4.02 32.76 28.63
CA MSE B 522 3.78 32.14 27.32
C MSE B 522 2.31 31.83 27.09
O MSE B 522 1.61 31.47 28.03
CB MSE B 522 4.55 30.81 27.22
CG MSE B 522 6.05 30.93 27.24
SE MSE B 522 6.85 29.15 27.22
CE MSE B 522 8.71 29.63 27.27
N ALA B 523 1.87 31.89 25.82
CA ALA B 523 0.51 31.44 25.42
C ALA B 523 0.55 29.91 25.27
N LEU B 524 -0.46 29.19 25.77
CA LEU B 524 -0.46 27.72 25.66
C LEU B 524 -1.85 27.20 25.28
N TYR B 525 -1.90 26.43 24.18
CA TYR B 525 -3.13 25.85 23.64
C TYR B 525 -3.10 24.33 23.60
N PHE B 526 -4.24 23.70 23.95
CA PHE B 526 -4.46 22.24 23.87
C PHE B 526 -5.55 22.00 22.83
N THR B 527 -5.20 21.31 21.72
CA THR B 527 -6.13 21.05 20.60
C THR B 527 -6.98 19.80 20.81
N GLY B 528 -6.47 18.85 21.60
CA GLY B 528 -7.16 17.59 21.86
C GLY B 528 -7.11 16.63 20.69
N VAL B 529 -6.28 16.94 19.67
CA VAL B 529 -6.12 16.11 18.48
C VAL B 529 -4.63 15.75 18.30
N ARG B 530 -4.35 14.47 18.30
CA ARG B 530 -3.01 13.94 18.11
C ARG B 530 -2.75 13.65 16.64
N HIS B 531 -1.54 13.96 16.19
CA HIS B 531 -1.12 13.61 14.83
C HIS B 531 0.23 12.93 14.80
N PHE B 532 0.29 11.75 15.41
CA PHE B 532 1.44 10.84 15.40
C PHE B 532 1.54 10.24 14.01
N LEU B 533 2.76 10.15 13.47
CA LEU B 533 3.02 9.65 12.14
C LEU B 533 4.35 8.89 12.09
N HIS B 534 4.31 7.59 11.81
CA HIS B 534 5.52 6.75 11.72
C HIS B 534 6.25 6.98 10.39
C1 BTB C . -20.20 -26.29 -12.93
O1 BTB C . -19.21 -27.20 -12.45
C2 BTB C . -19.54 -25.20 -13.80
C3 BTB C . -18.93 -25.97 -14.97
O3 BTB C . -19.91 -26.34 -15.95
C4 BTB C . -18.38 -24.62 -12.98
O4 BTB C . -18.67 -23.35 -12.41
N BTB C . -20.46 -24.05 -14.28
C5 BTB C . -21.57 -23.52 -13.48
C6 BTB C . -22.88 -23.47 -14.20
O6 BTB C . -23.08 -24.64 -14.95
C7 BTB C . -20.32 -23.36 -15.57
C8 BTB C . -19.13 -22.45 -15.68
O8 BTB C . -17.92 -23.18 -15.84
S SO4 D . -1.24 2.95 20.72
O1 SO4 D . -2.33 2.22 20.12
O2 SO4 D . -0.06 2.11 20.60
O3 SO4 D . -1.01 4.23 20.02
O4 SO4 D . -1.56 3.23 22.12
S SO4 E . 18.54 7.78 -4.27
O1 SO4 E . 17.43 7.78 -5.22
O2 SO4 E . 19.36 6.63 -4.52
O3 SO4 E . 19.30 8.99 -4.43
O4 SO4 E . 18.05 7.72 -2.90
S SO4 F . 24.47 11.81 6.33
O1 SO4 F . 23.93 10.78 7.21
O2 SO4 F . 25.22 11.20 5.23
O3 SO4 F . 23.34 12.56 5.79
O4 SO4 F . 25.36 12.69 7.08
S SO4 G . -6.99 11.98 18.62
O1 SO4 G . -8.38 12.44 18.83
O2 SO4 G . -6.98 10.82 17.81
O3 SO4 G . -6.27 12.97 17.89
O4 SO4 G . -6.35 11.72 19.91
S SO4 H . -19.16 -31.21 -13.73
O1 SO4 H . -19.82 -30.49 -12.66
O2 SO4 H . -18.70 -32.52 -13.24
O3 SO4 H . -20.04 -31.40 -14.87
O4 SO4 H . -18.00 -30.45 -14.19
S SO4 I . 29.04 -7.87 28.32
O1 SO4 I . 27.58 -7.81 28.29
O2 SO4 I . 29.49 -9.14 27.73
O3 SO4 I . 29.59 -6.74 27.57
O4 SO4 I . 29.50 -7.80 29.71
S SO4 J . -16.68 -15.64 -45.31
O1 SO4 J . -17.28 -16.93 -44.95
O2 SO4 J . -15.63 -15.85 -46.32
O3 SO4 J . -17.69 -14.75 -45.87
O4 SO4 J . -16.08 -15.05 -44.12
S SO4 K . -24.54 2.43 -25.71
O1 SO4 K . -25.13 2.51 -24.38
O2 SO4 K . -25.23 1.40 -26.51
O3 SO4 K . -24.64 3.73 -26.38
O4 SO4 K . -23.12 2.09 -25.58
S SO4 L . 8.93 11.96 24.74
O1 SO4 L . 7.93 12.36 25.73
O2 SO4 L . 8.59 10.63 24.23
O3 SO4 L . 8.92 12.92 23.64
O4 SO4 L . 10.26 11.93 25.36
#